data_360D
# 
_entry.id   360D 
# 
_audit_conform.dict_name       mmcif_pdbx.dic 
_audit_conform.dict_version    5.375 
_audit_conform.dict_location   http://mmcif.pdb.org/dictionaries/ascii/mmcif_pdbx.dic 
# 
loop_
_database_2.database_id 
_database_2.database_code 
_database_2.pdbx_database_accession 
_database_2.pdbx_DOI 
PDB   360D         pdb_0000360d 10.2210/pdb360d/pdb 
RCSB  GDL056       ?            ?                   
WWPDB D_1000178830 ?            ?                   
# 
_pdbx_database_status.status_code                     REL 
_pdbx_database_status.entry_id                        360D 
_pdbx_database_status.recvd_initial_deposition_date   1997-10-29 
_pdbx_database_status.deposit_site                    NDB 
_pdbx_database_status.process_site                    NDB 
_pdbx_database_status.status_code_sf                  REL 
_pdbx_database_status.status_code_mr                  ? 
_pdbx_database_status.SG_entry                        ? 
_pdbx_database_status.status_code_cs                  ? 
_pdbx_database_status.pdb_format_compatible           Y 
_pdbx_database_status.methods_development_category    ? 
_pdbx_database_status.status_code_nmr_data            ? 
# 
loop_
_audit_author.name 
_audit_author.pdbx_ordinal 
_audit_author.identifier_ORCID 
'Guerri, A.'    1 ? 
'Simpson, I.J.' 2 ? 
'Neidle, S.'    3 ? 
# 
_citation.id                        primary 
_citation.title                     'Visualisation of extensive water ribbons and networks in a DNA minor-groove drug complex.' 
_citation.journal_abbrev            'Nucleic Acids Res.' 
_citation.journal_volume            26 
_citation.page_first                2873 
_citation.page_last                 2878 
_citation.year                      1998 
_citation.journal_id_ASTM           NARHAD 
_citation.country                   UK 
_citation.journal_id_ISSN           0305-1048 
_citation.journal_id_CSD            0389 
_citation.book_publisher            ? 
_citation.pdbx_database_id_PubMed   9611230 
_citation.pdbx_database_id_DOI      10.1093/nar/26.12.2873 
# 
loop_
_citation_author.citation_id 
_citation_author.name 
_citation_author.ordinal 
_citation_author.identifier_ORCID 
primary 'Guerri, A.'    1 ? 
primary 'Simpson, I.J.' 2 ? 
primary 'Neidle, S.'    3 ? 
# 
_cell.entry_id           360D 
_cell.length_a           24.240 
_cell.length_b           39.940 
_cell.length_c           65.880 
_cell.angle_alpha        90.00 
_cell.angle_beta         90.00 
_cell.angle_gamma        90.00 
_cell.Z_PDB              8 
_cell.pdbx_unique_axis   ? 
# 
_symmetry.entry_id                         360D 
_symmetry.space_group_name_H-M             'P 21 21 21' 
_symmetry.pdbx_full_space_group_name_H-M   ? 
_symmetry.cell_setting                     ? 
_symmetry.Int_Tables_number                19 
# 
loop_
_entity.id 
_entity.type 
_entity.src_method 
_entity.pdbx_description 
_entity.formula_weight 
_entity.pdbx_number_of_molecules 
_entity.pdbx_ec 
_entity.pdbx_mutation 
_entity.pdbx_fragment 
_entity.details 
1 polymer     syn 
;DNA (5'-D(*CP*GP*CP*GP*AP*AP*TP*TP*CP*GP*CP*G)-3')
;
3663.392 2   ? ? ? ? 
2 non-polymer syn 'MAGNESIUM ION'                                                                    24.305   1   ? ? ? ? 
3 non-polymer syn "N,N'-(furan-2,5-diylbis{benzene-4,1-diyl[(Z)-aminomethylylidene]})diethanaminium" 362.468  1   ? ? ? ? 
4 water       nat water                                                                              18.015   219 ? ? ? ? 
# 
_entity_poly.entity_id                      1 
_entity_poly.type                           polydeoxyribonucleotide 
_entity_poly.nstd_linkage                   no 
_entity_poly.nstd_monomer                   no 
_entity_poly.pdbx_seq_one_letter_code       '(DC)(DG)(DC)(DG)(DA)(DA)(DT)(DT)(DC)(DG)(DC)(DG)' 
_entity_poly.pdbx_seq_one_letter_code_can   CGCGAATTCGCG 
_entity_poly.pdbx_strand_id                 A,B 
_entity_poly.pdbx_target_identifier         ? 
# 
loop_
_entity_poly_seq.entity_id 
_entity_poly_seq.num 
_entity_poly_seq.mon_id 
_entity_poly_seq.hetero 
1 1  DC n 
1 2  DG n 
1 3  DC n 
1 4  DG n 
1 5  DA n 
1 6  DA n 
1 7  DT n 
1 8  DT n 
1 9  DC n 
1 10 DG n 
1 11 DC n 
1 12 DG n 
# 
_pdbx_entity_src_syn.entity_id              1 
_pdbx_entity_src_syn.pdbx_src_id            1 
_pdbx_entity_src_syn.pdbx_alt_source_flag   sample 
_pdbx_entity_src_syn.pdbx_beg_seq_num       ? 
_pdbx_entity_src_syn.pdbx_end_seq_num       ? 
_pdbx_entity_src_syn.organism_scientific    'synthetic construct' 
_pdbx_entity_src_syn.organism_common_name   ? 
_pdbx_entity_src_syn.ncbi_taxonomy_id       32630 
_pdbx_entity_src_syn.details                ? 
# 
_struct_ref.id                         1 
_struct_ref.entity_id                  1 
_struct_ref.db_name                    PDB 
_struct_ref.db_code                    360D 
_struct_ref.pdbx_db_accession          360D 
_struct_ref.pdbx_db_isoform            ? 
_struct_ref.pdbx_seq_one_letter_code   ? 
_struct_ref.pdbx_align_begin           ? 
# 
loop_
_struct_ref_seq.align_id 
_struct_ref_seq.ref_id 
_struct_ref_seq.pdbx_PDB_id_code 
_struct_ref_seq.pdbx_strand_id 
_struct_ref_seq.seq_align_beg 
_struct_ref_seq.pdbx_seq_align_beg_ins_code 
_struct_ref_seq.seq_align_end 
_struct_ref_seq.pdbx_seq_align_end_ins_code 
_struct_ref_seq.pdbx_db_accession 
_struct_ref_seq.db_align_beg 
_struct_ref_seq.pdbx_db_align_beg_ins_code 
_struct_ref_seq.db_align_end 
_struct_ref_seq.pdbx_db_align_end_ins_code 
_struct_ref_seq.pdbx_auth_seq_align_beg 
_struct_ref_seq.pdbx_auth_seq_align_end 
1 1 360D A 1 ? 12 ? 360D 1  ? 12 ? 1  12 
2 1 360D B 1 ? 12 ? 360D 13 ? 24 ? 13 24 
# 
loop_
_chem_comp.id 
_chem_comp.type 
_chem_comp.mon_nstd_flag 
_chem_comp.name 
_chem_comp.pdbx_synonyms 
_chem_comp.formula 
_chem_comp.formula_weight 
BPF non-polymer   . "N,N'-(furan-2,5-diylbis{benzene-4,1-diyl[(Z)-aminomethylylidene]})diethanaminium" 
'DB185; FURAMIDINE DERIVATIVE' 'C22 H26 N4 O 2'  362.468 
DA  'DNA linking' y "2'-DEOXYADENOSINE-5'-MONOPHOSPHATE"                                               ? 'C10 H14 N5 O6 P' 331.222 
DC  'DNA linking' y "2'-DEOXYCYTIDINE-5'-MONOPHOSPHATE"                                                ? 'C9 H14 N3 O7 P'  307.197 
DG  'DNA linking' y "2'-DEOXYGUANOSINE-5'-MONOPHOSPHATE"                                               ? 'C10 H14 N5 O7 P' 347.221 
DT  'DNA linking' y "THYMIDINE-5'-MONOPHOSPHATE"                                                       ? 'C10 H15 N2 O8 P' 322.208 
HOH non-polymer   . WATER                                                                              ? 'H2 O'            18.015  
MG  non-polymer   . 'MAGNESIUM ION'                                                                    ? 'Mg 2'            24.305  
# 
_exptl.entry_id          360D 
_exptl.method            'X-RAY DIFFRACTION' 
_exptl.crystals_number   1 
# 
_exptl_crystal.id                    1 
_exptl_crystal.density_meas          ? 
_exptl_crystal.density_Matthews      2.18 
_exptl_crystal.density_percent_sol   43.48 
_exptl_crystal.description           ? 
_exptl_crystal.preparation           ? 
# 
_exptl_crystal_grow.crystal_id      1 
_exptl_crystal_grow.method          'VAPOR DIFFUSION' 
_exptl_crystal_grow.temp            288.0 
_exptl_crystal_grow.temp_details    ? 
_exptl_crystal_grow.pH              7.00 
_exptl_crystal_grow.pdbx_details    'pH 7.00, VAPOR DIFFUSION, temperature 288.0K' 
_exptl_crystal_grow.pdbx_pH_range   ? 
# 
loop_
_exptl_crystal_grow_comp.crystal_id 
_exptl_crystal_grow_comp.id 
_exptl_crystal_grow_comp.sol_id 
_exptl_crystal_grow_comp.name 
_exptl_crystal_grow_comp.volume 
_exptl_crystal_grow_comp.conc 
_exptl_crystal_grow_comp.details 
1 1 1 WATER               ? ? ? 
1 2 1 'SODIUM CACODYLATE' ? ? ? 
1 3 1 SPERMINE            ? ? ? 
1 4 1 MGCL2               ? ? ? 
1 5 1 MPD                 ? ? ? 
1 6 2 WATER               ? ? ? 
1 7 2 MPD                 ? ? ? 
# 
_diffrn.id                     1 
_diffrn.ambient_temp           100.00 
_diffrn.ambient_temp_details   ? 
_diffrn.crystal_id             1 
# 
_diffrn_detector.diffrn_id              1 
_diffrn_detector.detector               'IMAGE PLATE' 
_diffrn_detector.type                   'RIGAKU RAXIS II' 
_diffrn_detector.pdbx_collection_date   1997-07-01 
_diffrn_detector.details                MIRROR 
# 
_diffrn_radiation.diffrn_id                        1 
_diffrn_radiation.wavelength_id                    1 
_diffrn_radiation.pdbx_monochromatic_or_laue_m_l   M 
_diffrn_radiation.monochromator                    ? 
_diffrn_radiation.pdbx_diffrn_protocol             ? 
_diffrn_radiation.pdbx_scattering_type             x-ray 
# 
_diffrn_radiation_wavelength.id           1 
_diffrn_radiation_wavelength.wavelength   . 
_diffrn_radiation_wavelength.wt           1.0 
# 
_diffrn_source.diffrn_id                   1 
_diffrn_source.source                      'ROTATING ANODE' 
_diffrn_source.type                        RIGAKU 
_diffrn_source.pdbx_synchrotron_site       ? 
_diffrn_source.pdbx_synchrotron_beamline   ? 
_diffrn_source.pdbx_wavelength             ? 
_diffrn_source.pdbx_wavelength_list        ? 
# 
_reflns.entry_id                     360D 
_reflns.observed_criterion_sigma_I   4.000 
_reflns.observed_criterion_sigma_F   ? 
_reflns.d_resolution_low             7.000 
_reflns.d_resolution_high            1.850 
_reflns.number_obs                   5634 
_reflns.number_all                   ? 
_reflns.percent_possible_obs         91.440 
_reflns.pdbx_Rmerge_I_obs            0.0220000 
_reflns.pdbx_Rsym_value              ? 
_reflns.pdbx_netI_over_sigmaI        33.180 
_reflns.B_iso_Wilson_estimate        ? 
_reflns.pdbx_redundancy              ? 
_reflns.pdbx_ordinal                 1 
_reflns.pdbx_diffrn_id               1 
_reflns.pdbx_CC_half                 ? 
_reflns.pdbx_CC_star                 ? 
_reflns.pdbx_Rpim_I_all              ? 
_reflns.pdbx_Rrim_I_all              ? 
# 
_reflns_shell.d_res_high             1.854 
_reflns_shell.d_res_low              1.900 
_reflns_shell.percent_possible_all   80.70 
_reflns_shell.Rmerge_I_obs           ? 
_reflns_shell.pdbx_Rsym_value        ? 
_reflns_shell.meanI_over_sigI_obs    14.67 
_reflns_shell.pdbx_redundancy        ? 
_reflns_shell.pdbx_ordinal           1 
_reflns_shell.pdbx_diffrn_id         1 
_reflns_shell.number_measured_obs    ? 
_reflns_shell.number_unique_all      ? 
_reflns_shell.number_unique_obs      ? 
_reflns_shell.pdbx_CC_half           ? 
_reflns_shell.pdbx_CC_star           ? 
_reflns_shell.pdbx_Rpim_I_all        ? 
_reflns_shell.pdbx_Rrim_I_all        ? 
# 
_refine.entry_id                                 360D 
_refine.ls_number_reflns_obs                     5386 
_refine.ls_number_reflns_all                     5634 
_refine.pdbx_ls_sigma_I                          ? 
_refine.pdbx_ls_sigma_F                          4.000 
_refine.pdbx_data_cutoff_high_absF               ? 
_refine.pdbx_data_cutoff_low_absF                ? 
_refine.pdbx_data_cutoff_high_rms_absF           ? 
_refine.ls_d_res_low                             7.000 
_refine.ls_d_res_high                            1.850 
_refine.ls_percent_reflns_obs                    91.400 
_refine.ls_R_factor_obs                          ? 
_refine.ls_R_factor_all                          ? 
_refine.ls_R_factor_R_work                       0.1660000 
_refine.ls_R_factor_R_free                       ? 
_refine.ls_R_factor_R_free_error                 ? 
_refine.ls_R_factor_R_free_error_details         ? 
_refine.ls_percent_reflns_R_free                 ? 
_refine.ls_number_reflns_R_free                  ? 
_refine.ls_number_parameters                     2904 
_refine.ls_number_restraints                     3734 
_refine.occupancy_min                            ? 
_refine.occupancy_max                            ? 
_refine.B_iso_mean                               ? 
_refine.aniso_B[1][1]                            ? 
_refine.aniso_B[2][2]                            ? 
_refine.aniso_B[3][3]                            ? 
_refine.aniso_B[1][2]                            ? 
_refine.aniso_B[1][3]                            ? 
_refine.aniso_B[2][3]                            ? 
_refine.solvent_model_details                    'MOEWS & KRETSINGER, J.MOL.BIOL.91(1973)201-22' 
_refine.solvent_model_param_ksol                 ? 
_refine.solvent_model_param_bsol                 ? 
_refine.pdbx_ls_cross_valid_method               NONE 
_refine.details                                  ? 
_refine.pdbx_starting_model                      'NDB ENTRY GDL045 (PDB: 289D)' 
_refine.pdbx_method_to_determine_struct          'MOLECULAR REPLACEMENT' 
_refine.pdbx_isotropic_thermal_model             ? 
_refine.pdbx_stereochemistry_target_values       'PARKINSON ET AL.' 
_refine.pdbx_stereochem_target_val_spec_case     'STEREOCHEMISTRY OF LIGAND FROM MM CALCULATIONS' 
_refine.pdbx_R_Free_selection_details            ? 
_refine.pdbx_overall_ESU_R                       ? 
_refine.pdbx_overall_ESU_R_Free                  ? 
_refine.overall_SU_ML                            ? 
_refine.overall_SU_B                             ? 
_refine.pdbx_refine_id                           'X-RAY DIFFRACTION' 
_refine.pdbx_diffrn_id                           1 
_refine.pdbx_TLS_residual_ADP_flag               ? 
_refine.correlation_coeff_Fo_to_Fc               ? 
_refine.correlation_coeff_Fo_to_Fc_free          ? 
_refine.pdbx_solvent_vdw_probe_radii             ? 
_refine.pdbx_solvent_ion_probe_radii             ? 
_refine.pdbx_solvent_shrinkage_radii             ? 
_refine.pdbx_overall_phase_error                 ? 
_refine.overall_SU_R_Cruickshank_DPI             ? 
_refine.pdbx_overall_SU_R_free_Cruickshank_DPI   ? 
_refine.pdbx_overall_SU_R_Blow_DPI               ? 
_refine.pdbx_overall_SU_R_free_Blow_DPI          ? 
# 
_refine_analyze.entry_id                        360D 
_refine_analyze.Luzzati_coordinate_error_obs    ? 
_refine_analyze.Luzzati_sigma_a_obs             ? 
_refine_analyze.Luzzati_d_res_low_obs           ? 
_refine_analyze.Luzzati_coordinate_error_free   ? 
_refine_analyze.Luzzati_sigma_a_free            ? 
_refine_analyze.Luzzati_d_res_low_free          ? 
_refine_analyze.number_disordered_residues      0 
_refine_analyze.occupancy_sum_hydrogen          260 
_refine_analyze.occupancy_sum_non_hydrogen      733 
_refine_analyze.pdbx_refine_id                  'X-RAY DIFFRACTION' 
# 
_refine_hist.pdbx_refine_id                   'X-RAY DIFFRACTION' 
_refine_hist.cycle_id                         LAST 
_refine_hist.pdbx_number_atoms_protein        0 
_refine_hist.pdbx_number_atoms_nucleic_acid   486 
_refine_hist.pdbx_number_atoms_ligand         28 
_refine_hist.number_atoms_solvent             219 
_refine_hist.number_atoms_total               733 
_refine_hist.d_res_high                       1.850 
_refine_hist.d_res_low                        7.000 
# 
_pdbx_refine.entry_id                                    360D 
_pdbx_refine.R_factor_all_no_cutoff                      ? 
_pdbx_refine.R_factor_obs_no_cutoff                      0.1700000 
_pdbx_refine.free_R_factor_no_cutoff                     ? 
_pdbx_refine.free_R_val_test_set_size_perc_no_cutoff     ? 
_pdbx_refine.free_R_val_test_set_ct_no_cutoff            ? 
_pdbx_refine.R_factor_all_4sig_cutoff                    ? 
_pdbx_refine.R_factor_obs_4sig_cutoff                    0.1660000 
_pdbx_refine.free_R_factor_4sig_cutoff                   ? 
_pdbx_refine.free_R_val_test_set_size_perc_4sig_cutoff   ? 
_pdbx_refine.free_R_val_test_set_ct_4sig_cutoff          ? 
_pdbx_refine.number_reflns_obs_4sig_cutoff               5386 
_pdbx_refine.pdbx_refine_id                              'X-RAY DIFFRACTION' 
_pdbx_refine.free_R_error_no_cutoff                      ? 
# 
_struct.entry_id                  360D 
_struct.title                     
;STRUCTURE OF 2,5-BIS{[4-(N-ETHYLAMIDINO)PHENYL]}FURAN COMPLEXED TO 5'-D(CPGPCPGPAPAPTPTPCPGPCPG)-3'. A MINOR GROOVE DRUG COMPLEX, SHOWING PATTERNS OF GROOVE HYDRATION
;
_struct.pdbx_model_details        ? 
_struct.pdbx_CASP_flag            ? 
_struct.pdbx_model_type_details   ? 
# 
_struct_keywords.entry_id        360D 
_struct_keywords.pdbx_keywords   DNA 
_struct_keywords.text            'B-DNA, DOUBLE HELIX, COMPLEXED WITH DRUG, DNA' 
# 
loop_
_struct_asym.id 
_struct_asym.pdbx_blank_PDB_chainid_flag 
_struct_asym.pdbx_modified 
_struct_asym.entity_id 
_struct_asym.details 
A N N 1 ? 
B N N 1 ? 
C N N 2 ? 
D N N 3 ? 
E N N 4 ? 
F N N 4 ? 
# 
loop_
_struct_conn.id 
_struct_conn.conn_type_id 
_struct_conn.pdbx_leaving_atom_flag 
_struct_conn.pdbx_PDB_id 
_struct_conn.ptnr1_label_asym_id 
_struct_conn.ptnr1_label_comp_id 
_struct_conn.ptnr1_label_seq_id 
_struct_conn.ptnr1_label_atom_id 
_struct_conn.pdbx_ptnr1_label_alt_id 
_struct_conn.pdbx_ptnr1_PDB_ins_code 
_struct_conn.pdbx_ptnr1_standard_comp_id 
_struct_conn.ptnr1_symmetry 
_struct_conn.ptnr2_label_asym_id 
_struct_conn.ptnr2_label_comp_id 
_struct_conn.ptnr2_label_seq_id 
_struct_conn.ptnr2_label_atom_id 
_struct_conn.pdbx_ptnr2_label_alt_id 
_struct_conn.pdbx_ptnr2_PDB_ins_code 
_struct_conn.ptnr1_auth_asym_id 
_struct_conn.ptnr1_auth_comp_id 
_struct_conn.ptnr1_auth_seq_id 
_struct_conn.ptnr2_auth_asym_id 
_struct_conn.ptnr2_auth_comp_id 
_struct_conn.ptnr2_auth_seq_id 
_struct_conn.ptnr2_symmetry 
_struct_conn.pdbx_ptnr3_label_atom_id 
_struct_conn.pdbx_ptnr3_label_seq_id 
_struct_conn.pdbx_ptnr3_label_comp_id 
_struct_conn.pdbx_ptnr3_label_asym_id 
_struct_conn.pdbx_ptnr3_label_alt_id 
_struct_conn.pdbx_ptnr3_PDB_ins_code 
_struct_conn.details 
_struct_conn.pdbx_dist_value 
_struct_conn.pdbx_value_order 
_struct_conn.pdbx_role 
metalc1  metalc ? ? C MG .  MG ? ? ? 1_555 E HOH .  O  ? ? A MG 26 A HOH 240 1_555 ? ? ? ? ? ? ?            2.303 ? ? 
metalc2  metalc ? ? C MG .  MG ? ? ? 1_555 E HOH .  O  ? ? A MG 26 A HOH 241 1_555 ? ? ? ? ? ? ?            1.944 ? ? 
metalc3  metalc ? ? C MG .  MG ? ? ? 1_555 E HOH .  O  ? ? A MG 26 A HOH 242 1_555 ? ? ? ? ? ? ?            2.076 ? ? 
metalc4  metalc ? ? C MG .  MG ? ? ? 1_555 E HOH .  O  ? ? A MG 26 A HOH 243 1_555 ? ? ? ? ? ? ?            1.890 ? ? 
metalc5  metalc ? ? C MG .  MG ? ? ? 1_555 E HOH .  O  ? ? A MG 26 A HOH 244 1_555 ? ? ? ? ? ? ?            2.184 ? ? 
metalc6  metalc ? ? C MG .  MG ? ? ? 1_555 E HOH .  O  ? ? A MG 26 A HOH 245 1_555 ? ? ? ? ? ? ?            2.228 ? ? 
hydrog1  hydrog ? ? A DC 1  N3 ? ? ? 1_555 B DG  12 N1 ? ? A DC 1  B DG  24  1_555 ? ? ? ? ? ? WATSON-CRICK ?     ? ? 
hydrog2  hydrog ? ? A DC 1  N4 ? ? ? 1_555 B DG  12 O6 ? ? A DC 1  B DG  24  1_555 ? ? ? ? ? ? WATSON-CRICK ?     ? ? 
hydrog3  hydrog ? ? A DC 1  O2 ? ? ? 1_555 B DG  12 N2 ? ? A DC 1  B DG  24  1_555 ? ? ? ? ? ? WATSON-CRICK ?     ? ? 
hydrog4  hydrog ? ? A DG 2  N1 ? ? ? 1_555 B DC  11 N3 ? ? A DG 2  B DC  23  1_555 ? ? ? ? ? ? WATSON-CRICK ?     ? ? 
hydrog5  hydrog ? ? A DG 2  N2 ? ? ? 1_555 B DC  11 O2 ? ? A DG 2  B DC  23  1_555 ? ? ? ? ? ? WATSON-CRICK ?     ? ? 
hydrog6  hydrog ? ? A DG 2  O6 ? ? ? 1_555 B DC  11 N4 ? ? A DG 2  B DC  23  1_555 ? ? ? ? ? ? WATSON-CRICK ?     ? ? 
hydrog7  hydrog ? ? A DC 3  N3 ? ? ? 1_555 B DG  10 N1 ? ? A DC 3  B DG  22  1_555 ? ? ? ? ? ? WATSON-CRICK ?     ? ? 
hydrog8  hydrog ? ? A DC 3  N4 ? ? ? 1_555 B DG  10 O6 ? ? A DC 3  B DG  22  1_555 ? ? ? ? ? ? WATSON-CRICK ?     ? ? 
hydrog9  hydrog ? ? A DC 3  O2 ? ? ? 1_555 B DG  10 N2 ? ? A DC 3  B DG  22  1_555 ? ? ? ? ? ? WATSON-CRICK ?     ? ? 
hydrog10 hydrog ? ? A DG 4  N1 ? ? ? 1_555 B DC  9  N3 ? ? A DG 4  B DC  21  1_555 ? ? ? ? ? ? WATSON-CRICK ?     ? ? 
hydrog11 hydrog ? ? A DG 4  N2 ? ? ? 1_555 B DC  9  O2 ? ? A DG 4  B DC  21  1_555 ? ? ? ? ? ? WATSON-CRICK ?     ? ? 
hydrog12 hydrog ? ? A DG 4  O6 ? ? ? 1_555 B DC  9  N4 ? ? A DG 4  B DC  21  1_555 ? ? ? ? ? ? WATSON-CRICK ?     ? ? 
hydrog13 hydrog ? ? A DA 5  N1 ? ? ? 1_555 B DT  8  N3 ? ? A DA 5  B DT  20  1_555 ? ? ? ? ? ? WATSON-CRICK ?     ? ? 
hydrog14 hydrog ? ? A DA 5  N6 ? ? ? 1_555 B DT  8  O4 ? ? A DA 5  B DT  20  1_555 ? ? ? ? ? ? WATSON-CRICK ?     ? ? 
hydrog15 hydrog ? ? A DA 6  N1 ? ? ? 1_555 B DT  7  N3 ? ? A DA 6  B DT  19  1_555 ? ? ? ? ? ? WATSON-CRICK ?     ? ? 
hydrog16 hydrog ? ? A DA 6  N6 ? ? ? 1_555 B DT  7  O4 ? ? A DA 6  B DT  19  1_555 ? ? ? ? ? ? WATSON-CRICK ?     ? ? 
hydrog17 hydrog ? ? A DT 7  N3 ? ? ? 1_555 B DA  6  N1 ? ? A DT 7  B DA  18  1_555 ? ? ? ? ? ? WATSON-CRICK ?     ? ? 
hydrog18 hydrog ? ? A DT 7  O4 ? ? ? 1_555 B DA  6  N6 ? ? A DT 7  B DA  18  1_555 ? ? ? ? ? ? WATSON-CRICK ?     ? ? 
hydrog19 hydrog ? ? A DT 8  N3 ? ? ? 1_555 B DA  5  N1 ? ? A DT 8  B DA  17  1_555 ? ? ? ? ? ? WATSON-CRICK ?     ? ? 
hydrog20 hydrog ? ? A DT 8  O4 ? ? ? 1_555 B DA  5  N6 ? ? A DT 8  B DA  17  1_555 ? ? ? ? ? ? WATSON-CRICK ?     ? ? 
hydrog21 hydrog ? ? A DC 9  N3 ? ? ? 1_555 B DG  4  N1 ? ? A DC 9  B DG  16  1_555 ? ? ? ? ? ? WATSON-CRICK ?     ? ? 
hydrog22 hydrog ? ? A DC 9  N4 ? ? ? 1_555 B DG  4  O6 ? ? A DC 9  B DG  16  1_555 ? ? ? ? ? ? WATSON-CRICK ?     ? ? 
hydrog23 hydrog ? ? A DC 9  O2 ? ? ? 1_555 B DG  4  N2 ? ? A DC 9  B DG  16  1_555 ? ? ? ? ? ? WATSON-CRICK ?     ? ? 
hydrog24 hydrog ? ? A DG 10 N1 ? ? ? 1_555 B DC  3  N3 ? ? A DG 10 B DC  15  1_555 ? ? ? ? ? ? WATSON-CRICK ?     ? ? 
hydrog25 hydrog ? ? A DG 10 N2 ? ? ? 1_555 B DC  3  O2 ? ? A DG 10 B DC  15  1_555 ? ? ? ? ? ? WATSON-CRICK ?     ? ? 
hydrog26 hydrog ? ? A DG 10 O6 ? ? ? 1_555 B DC  3  N4 ? ? A DG 10 B DC  15  1_555 ? ? ? ? ? ? WATSON-CRICK ?     ? ? 
hydrog27 hydrog ? ? A DC 11 N3 ? ? ? 1_555 B DG  2  N1 ? ? A DC 11 B DG  14  1_555 ? ? ? ? ? ? WATSON-CRICK ?     ? ? 
hydrog28 hydrog ? ? A DC 11 N4 ? ? ? 1_555 B DG  2  O6 ? ? A DC 11 B DG  14  1_555 ? ? ? ? ? ? WATSON-CRICK ?     ? ? 
hydrog29 hydrog ? ? A DC 11 O2 ? ? ? 1_555 B DG  2  N2 ? ? A DC 11 B DG  14  1_555 ? ? ? ? ? ? WATSON-CRICK ?     ? ? 
hydrog30 hydrog ? ? A DG 12 N1 ? ? ? 1_555 B DC  1  N3 ? ? A DG 12 B DC  13  1_555 ? ? ? ? ? ? WATSON-CRICK ?     ? ? 
hydrog31 hydrog ? ? A DG 12 N2 ? ? ? 1_555 B DC  1  O2 ? ? A DG 12 B DC  13  1_555 ? ? ? ? ? ? WATSON-CRICK ?     ? ? 
hydrog32 hydrog ? ? A DG 12 O6 ? ? ? 1_555 B DC  1  N4 ? ? A DG 12 B DC  13  1_555 ? ? ? ? ? ? WATSON-CRICK ?     ? ? 
# 
loop_
_struct_conn_type.id 
_struct_conn_type.criteria 
_struct_conn_type.reference 
metalc ? ? 
hydrog ? ? 
# 
loop_
_struct_site.id 
_struct_site.pdbx_evidence_code 
_struct_site.pdbx_auth_asym_id 
_struct_site.pdbx_auth_comp_id 
_struct_site.pdbx_auth_seq_id 
_struct_site.pdbx_auth_ins_code 
_struct_site.pdbx_num_residues 
_struct_site.details 
AC1                 Software A MG  26 ? 6  'BINDING SITE FOR RESIDUE MG A 26'  
AC2                 Software B BPF 25 ? 12 'BINDING SITE FOR RESIDUE BPF B 25' 
'DRUG BINDING SITE' ?        ? ?   ?  ? ?  ?                                   
# 
loop_
_struct_site_gen.id 
_struct_site_gen.site_id 
_struct_site_gen.pdbx_num_res 
_struct_site_gen.label_comp_id 
_struct_site_gen.label_asym_id 
_struct_site_gen.label_seq_id 
_struct_site_gen.pdbx_auth_ins_code 
_struct_site_gen.auth_comp_id 
_struct_site_gen.auth_asym_id 
_struct_site_gen.auth_seq_id 
_struct_site_gen.label_atom_id 
_struct_site_gen.label_alt_id 
_struct_site_gen.symmetry 
_struct_site_gen.details 
1  AC1 6  HOH E . ? HOH A 240 . ? 1_555 ? 
2  AC1 6  HOH E . ? HOH A 241 . ? 1_555 ? 
3  AC1 6  HOH E . ? HOH A 242 . ? 1_555 ? 
4  AC1 6  HOH E . ? HOH A 243 . ? 1_555 ? 
5  AC1 6  HOH E . ? HOH A 244 . ? 1_555 ? 
6  AC1 6  HOH E . ? HOH A 245 . ? 1_555 ? 
7  AC2 12 DA  A 6 ? DA  A 6   . ? 1_555 ? 
8  AC2 12 DT  A 7 ? DT  A 7   . ? 1_555 ? 
9  AC2 12 DT  A 8 ? DT  A 8   . ? 1_555 ? 
10 AC2 12 DC  A 9 ? DC  A 9   . ? 1_555 ? 
11 AC2 12 HOH E . ? HOH A 197 . ? 1_555 ? 
12 AC2 12 DA  B 6 ? DA  B 18  . ? 1_555 ? 
13 AC2 12 DT  B 7 ? DT  B 19  . ? 1_555 ? 
14 AC2 12 DT  B 8 ? DT  B 20  . ? 1_555 ? 
15 AC2 12 DC  B 9 ? DC  B 21  . ? 1_555 ? 
16 AC2 12 HOH F . ? HOH B 45  . ? 1_555 ? 
17 AC2 12 HOH F . ? HOH B 72  . ? 1_555 ? 
18 AC2 12 HOH F . ? HOH B 201 . ? 1_555 ? 
# 
_atom_sites.entry_id                    360D 
_atom_sites.fract_transf_matrix[1][1]   -0.03707129 
_atom_sites.fract_transf_matrix[1][2]   -0.01509527 
_atom_sites.fract_transf_matrix[1][3]   0.00864608 
_atom_sites.fract_transf_matrix[2][1]   -0.01063509 
_atom_sites.fract_transf_matrix[2][2]   0.01986402 
_atom_sites.fract_transf_matrix[2][3]   -0.01091865 
_atom_sites.fract_transf_matrix[3][1]   -0.00010253 
_atom_sites.fract_transf_matrix[3][2]   -0.00735363 
_atom_sites.fract_transf_matrix[3][3]   -0.01327839 
_atom_sites.fract_transf_vector[1]      0.312489 
_atom_sites.fract_transf_vector[2]      0.577827 
_atom_sites.fract_transf_vector[3]      0.126092 
# 
loop_
_atom_type.symbol 
C  
MG 
N  
O  
P  
# 
loop_
_atom_site.group_PDB 
_atom_site.id 
_atom_site.type_symbol 
_atom_site.label_atom_id 
_atom_site.label_alt_id 
_atom_site.label_comp_id 
_atom_site.label_asym_id 
_atom_site.label_entity_id 
_atom_site.label_seq_id 
_atom_site.pdbx_PDB_ins_code 
_atom_site.Cartn_x 
_atom_site.Cartn_y 
_atom_site.Cartn_z 
_atom_site.occupancy 
_atom_site.B_iso_or_equiv 
_atom_site.pdbx_formal_charge 
_atom_site.auth_seq_id 
_atom_site.auth_comp_id 
_atom_site.auth_asym_id 
_atom_site.auth_atom_id 
_atom_site.pdbx_PDB_model_num 
ATOM   1   O  "O5'" . DC  A 1 1  ? -15.717 -3.384  -16.088 1.00 22.44 ? 1   DC  A "O5'" 1 
ATOM   2   C  "C5'" . DC  A 1 1  ? -14.517 -4.162  -16.128 1.00 23.26 ? 1   DC  A "C5'" 1 
ATOM   3   C  "C4'" . DC  A 1 1  ? -14.733 -5.454  -15.375 1.00 14.56 ? 1   DC  A "C4'" 1 
ATOM   4   O  "O4'" . DC  A 1 1  ? -13.552 -6.263  -15.442 1.00 21.99 ? 1   DC  A "O4'" 1 
ATOM   5   C  "C3'" . DC  A 1 1  ? -15.038 -5.261  -13.886 1.00 14.59 ? 1   DC  A "C3'" 1 
ATOM   6   O  "O3'" . DC  A 1 1  ? -16.120 -6.096  -13.508 1.00 18.38 ? 1   DC  A "O3'" 1 
ATOM   7   C  "C2'" . DC  A 1 1  ? -13.734 -5.604  -13.218 1.00 15.14 ? 1   DC  A "C2'" 1 
ATOM   8   C  "C1'" . DC  A 1 1  ? -13.162 -6.681  -14.124 1.00 21.27 ? 1   DC  A "C1'" 1 
ATOM   9   N  N1    . DC  A 1 1  ? -11.753 -6.813  -14.398 1.00 17.56 ? 1   DC  A N1    1 
ATOM   10  C  C2    . DC  A 1 1  ? -11.300 -8.124  -14.601 1.00 19.93 ? 1   DC  A C2    1 
ATOM   11  O  O2    . DC  A 1 1  ? -12.123 -9.052  -14.527 1.00 20.10 ? 1   DC  A O2    1 
ATOM   12  N  N3    . DC  A 1 1  ? -10.001 -8.338  -14.864 1.00 18.03 ? 1   DC  A N3    1 
ATOM   13  C  C4    . DC  A 1 1  ? -9.137  -7.323  -14.937 1.00 15.81 ? 1   DC  A C4    1 
ATOM   14  N  N4    . DC  A 1 1  ? -7.861  -7.624  -15.205 1.00 23.92 ? 1   DC  A N4    1 
ATOM   15  C  C5    . DC  A 1 1  ? -9.565  -5.988  -14.742 1.00 14.33 ? 1   DC  A C5    1 
ATOM   16  C  C6    . DC  A 1 1  ? -10.869 -5.779  -14.478 1.00 16.82 ? 1   DC  A C6    1 
ATOM   17  P  P     . DG  A 1 2  ? -16.698 -6.190  -12.005 1.00 26.27 ? 2   DG  A P     1 
ATOM   18  O  OP1   . DG  A 1 2  ? -18.096 -6.676  -12.110 1.00 31.66 ? 2   DG  A OP1   1 
ATOM   19  O  OP2   . DG  A 1 2  ? -16.346 -4.971  -11.229 1.00 16.47 ? 2   DG  A OP2   1 
ATOM   20  O  "O5'" . DG  A 1 2  ? -15.828 -7.393  -11.376 1.00 26.56 ? 2   DG  A "O5'" 1 
ATOM   21  C  "C5'" . DG  A 1 2  ? -16.162 -8.758  -11.604 1.00 26.92 ? 2   DG  A "C5'" 1 
ATOM   22  C  "C4'" . DG  A 1 2  ? -15.474 -9.662  -10.607 1.00 16.47 ? 2   DG  A "C4'" 1 
ATOM   23  O  "O4'" . DG  A 1 2  ? -14.048 -9.712  -10.871 1.00 15.59 ? 2   DG  A "O4'" 1 
ATOM   24  C  "C3'" . DG  A 1 2  ? -15.607 -9.232  -9.146  1.00 18.81 ? 2   DG  A "C3'" 1 
ATOM   25  O  "O3'" . DG  A 1 2  ? -15.945 -10.341 -8.333  1.00 18.99 ? 2   DG  A "O3'" 1 
ATOM   26  C  "C2'" . DG  A 1 2  ? -14.257 -8.651  -8.786  1.00 17.30 ? 2   DG  A "C2'" 1 
ATOM   27  C  "C1'" . DG  A 1 2  ? -13.321 -9.455  -9.673  1.00 16.04 ? 2   DG  A "C1'" 1 
ATOM   28  N  N9    . DG  A 1 2  ? -12.141 -8.802  -10.178 1.00 13.38 ? 2   DG  A N9    1 
ATOM   29  C  C8    . DG  A 1 2  ? -11.902 -7.475  -10.439 1.00 15.44 ? 2   DG  A C8    1 
ATOM   30  N  N7    . DG  A 1 2  ? -10.698 -7.249  -10.897 1.00 16.31 ? 2   DG  A N7    1 
ATOM   31  C  C5    . DG  A 1 2  ? -10.101 -8.505  -10.943 1.00 14.13 ? 2   DG  A C5    1 
ATOM   32  C  C6    . DG  A 1 2  ? -8.802  -8.902  -11.351 1.00 21.09 ? 2   DG  A C6    1 
ATOM   33  O  O6    . DG  A 1 2  ? -7.877  -8.188  -11.776 1.00 14.32 ? 2   DG  A O6    1 
ATOM   34  N  N1    . DG  A 1 2  ? -8.633  -10.290 -11.228 1.00 14.71 ? 2   DG  A N1    1 
ATOM   35  C  C2    . DG  A 1 2  ? -9.589  -11.146 -10.775 1.00 18.84 ? 2   DG  A C2    1 
ATOM   36  N  N2    . DG  A 1 2  ? -9.279  -12.453 -10.710 1.00 17.44 ? 2   DG  A N2    1 
ATOM   37  N  N3    . DG  A 1 2  ? -10.799 -10.785 -10.391 1.00 18.41 ? 2   DG  A N3    1 
ATOM   38  C  C4    . DG  A 1 2  ? -10.983 -9.460  -10.503 1.00 15.02 ? 2   DG  A C4    1 
ATOM   39  P  P     . DC  A 1 3  ? -16.348 -10.206 -6.769  1.00 21.53 ? 3   DC  A P     1 
ATOM   40  O  OP1   . DC  A 1 3  ? -17.623 -10.933 -6.605  1.00 21.84 ? 3   DC  A OP1   1 
ATOM   41  O  OP2   . DC  A 1 3  ? -16.198 -8.793  -6.356  1.00 23.67 ? 3   DC  A OP2   1 
ATOM   42  O  "O5'" . DC  A 1 3  ? -15.209 -11.041 -6.017  1.00 21.48 ? 3   DC  A "O5'" 1 
ATOM   43  C  "C5'" . DC  A 1 3  ? -15.027 -12.390 -6.467  1.00 20.62 ? 3   DC  A "C5'" 1 
ATOM   44  C  "C4'" . DC  A 1 3  ? -13.592 -12.809 -6.342  1.00 17.78 ? 3   DC  A "C4'" 1 
ATOM   45  O  "O4'" . DC  A 1 3  ? -12.721 -12.010 -7.163  1.00 16.54 ? 3   DC  A "O4'" 1 
ATOM   46  C  "C3'" . DC  A 1 3  ? -13.016 -12.641 -4.929  1.00 20.29 ? 3   DC  A "C3'" 1 
ATOM   47  O  "O3'" . DC  A 1 3  ? -13.292 -13.806 -4.176  1.00 24.05 ? 3   DC  A "O3'" 1 
ATOM   48  C  "C2'" . DC  A 1 3  ? -11.550 -12.424 -5.138  1.00 24.02 ? 3   DC  A "C2'" 1 
ATOM   49  C  "C1'" . DC  A 1 3  ? -11.413 -12.040 -6.595  1.00 25.21 ? 3   DC  A "C1'" 1 
ATOM   50  N  N1    . DC  A 1 3  ? -10.958 -10.698 -6.877  1.00 20.47 ? 3   DC  A N1    1 
ATOM   51  C  C2    . DC  A 1 3  ? -9.666  -10.598 -7.395  1.00 22.05 ? 3   DC  A C2    1 
ATOM   52  O  O2    . DC  A 1 3  ? -9.023  -11.648 -7.578  1.00 19.94 ? 3   DC  A O2    1 
ATOM   53  N  N3    . DC  A 1 3  ? -9.166  -9.374  -7.684  1.00 22.34 ? 3   DC  A N3    1 
ATOM   54  C  C4    . DC  A 1 3  ? -9.931  -8.299  -7.452  1.00 20.99 ? 3   DC  A C4    1 
ATOM   55  N  N4    . DC  A 1 3  ? -9.420  -7.101  -7.743  1.00 14.86 ? 3   DC  A N4    1 
ATOM   56  C  C5    . DC  A 1 3  ? -11.248 -8.386  -6.917  1.00 19.77 ? 3   DC  A C5    1 
ATOM   57  C  C6    . DC  A 1 3  ? -11.744 -9.601  -6.634  1.00 23.48 ? 3   DC  A C6    1 
ATOM   58  P  P     . DG  A 1 4  ? -12.921 -13.880 -2.614  1.00 28.52 ? 4   DG  A P     1 
ATOM   59  O  OP1   . DG  A 1 4  ? -13.699 -15.004 -2.043  1.00 32.32 ? 4   DG  A OP1   1 
ATOM   60  O  OP2   . DG  A 1 4  ? -13.035 -12.534 -1.992  1.00 29.06 ? 4   DG  A OP2   1 
ATOM   61  O  "O5'" . DG  A 1 4  ? -11.377 -14.261 -2.606  1.00 23.79 ? 4   DG  A "O5'" 1 
ATOM   62  C  "C5'" . DG  A 1 4  ? -10.852 -15.438 -3.218  1.00 24.97 ? 4   DG  A "C5'" 1 
ATOM   63  C  "C4'" . DG  A 1 4  ? -9.355  -15.490 -3.033  1.00 22.56 ? 4   DG  A "C4'" 1 
ATOM   64  O  "O4'" . DG  A 1 4  ? -8.728  -14.347 -3.677  1.00 16.66 ? 4   DG  A "O4'" 1 
ATOM   65  C  "C3'" . DG  A 1 4  ? -8.892  -15.455 -1.581  1.00 21.99 ? 4   DG  A "C3'" 1 
ATOM   66  O  "O3'" . DG  A 1 4  ? -7.800  -16.340 -1.365  1.00 31.66 ? 4   DG  A "O3'" 1 
ATOM   67  C  "C2'" . DG  A 1 4  ? -8.509  -14.010 -1.359  1.00 27.49 ? 4   DG  A "C2'" 1 
ATOM   68  C  "C1'" . DG  A 1 4  ? -8.006  -13.578 -2.733  1.00 24.16 ? 4   DG  A "C1'" 1 
ATOM   69  N  N9    . DG  A 1 4  ? -8.277  -12.205 -3.105  1.00 15.66 ? 4   DG  A N9    1 
ATOM   70  C  C8    . DG  A 1 4  ? -9.399  -11.444 -2.840  1.00 17.86 ? 4   DG  A C8    1 
ATOM   71  N  N7    . DG  A 1 4  ? -9.331  -10.238 -3.314  1.00 18.67 ? 4   DG  A N7    1 
ATOM   72  C  C5    . DG  A 1 4  ? -8.090  -10.191 -3.934  1.00 11.52 ? 4   DG  A C5    1 
ATOM   73  C  C6    . DG  A 1 4  ? -7.458  -9.133  -4.629  1.00 20.21 ? 4   DG  A C6    1 
ATOM   74  O  O6    . DG  A 1 4  ? -7.863  -7.989  -4.851  1.00 21.21 ? 4   DG  A O6    1 
ATOM   75  N  N1    . DG  A 1 4  ? -6.208  -9.496  -5.102  1.00 21.20 ? 4   DG  A N1    1 
ATOM   76  C  C2    . DG  A 1 4  ? -5.636  -10.736 -4.925  1.00 20.10 ? 4   DG  A C2    1 
ATOM   77  N  N2    . DG  A 1 4  ? -4.416  -10.872 -5.467  1.00 19.19 ? 4   DG  A N2    1 
ATOM   78  N  N3    . DG  A 1 4  ? -6.212  -11.727 -4.283  1.00 14.42 ? 4   DG  A N3    1 
ATOM   79  C  C4    . DG  A 1 4  ? -7.430  -11.393 -3.814  1.00 9.95  ? 4   DG  A C4    1 
ATOM   80  P  P     . DA  A 1 5  ? -7.129  -16.476 0.117   1.00 32.78 ? 5   DA  A P     1 
ATOM   81  O  OP1   . DA  A 1 5  ? -6.893  -17.917 0.368   1.00 43.93 ? 5   DA  A OP1   1 
ATOM   82  O  OP2   . DA  A 1 5  ? -7.847  -15.648 1.109   1.00 39.39 ? 5   DA  A OP2   1 
ATOM   83  O  "O5'" . DA  A 1 5  ? -5.710  -15.765 -0.115  1.00 20.87 ? 5   DA  A "O5'" 1 
ATOM   84  C  "C5'" . DA  A 1 5  ? -5.000  -16.036 -1.329  1.00 23.31 ? 5   DA  A "C5'" 1 
ATOM   85  C  "C4'" . DA  A 1 5  ? -3.812  -15.113 -1.433  1.00 21.24 ? 5   DA  A "C4'" 1 
ATOM   86  O  "O4'" . DA  A 1 5  ? -4.259  -13.776 -1.778  1.00 21.58 ? 5   DA  A "O4'" 1 
ATOM   87  C  "C3'" . DA  A 1 5  ? -2.995  -14.976 -0.147  1.00 15.89 ? 5   DA  A "C3'" 1 
ATOM   88  O  "O3'" . DA  A 1 5  ? -1.632  -15.141 -0.461  1.00 22.13 ? 5   DA  A "O3'" 1 
ATOM   89  C  "C2'" . DA  A 1 5  ? -3.320  -13.596 0.376   1.00 15.96 ? 5   DA  A "C2'" 1 
ATOM   90  C  "C1'" . DA  A 1 5  ? -3.663  -12.827 -0.889  1.00 18.70 ? 5   DA  A "C1'" 1 
ATOM   91  N  N9    . DA  A 1 5  ? -4.695  -11.769 -0.856  1.00 18.21 ? 5   DA  A N9    1 
ATOM   92  C  C8    . DA  A 1 5  ? -5.899  -11.820 -0.196  1.00 24.78 ? 5   DA  A C8    1 
ATOM   93  N  N7    . DA  A 1 5  ? -6.630  -10.724 -0.342  1.00 17.12 ? 5   DA  A N7    1 
ATOM   94  C  C5    . DA  A 1 5  ? -5.850  -9.916  -1.145  1.00 17.98 ? 5   DA  A C5    1 
ATOM   95  C  C6    . DA  A 1 5  ? -6.068  -8.624  -1.655  1.00 22.07 ? 5   DA  A C6    1 
ATOM   96  N  N6    . DA  A 1 5  ? -7.174  -7.928  -1.408  1.00 19.28 ? 5   DA  A N6    1 
ATOM   97  N  N1    . DA  A 1 5  ? -5.091  -8.108  -2.419  1.00 16.87 ? 5   DA  A N1    1 
ATOM   98  C  C2    . DA  A 1 5  ? -3.987  -8.823  -2.658  1.00 22.26 ? 5   DA  A C2    1 
ATOM   99  N  N3    . DA  A 1 5  ? -3.665  -10.048 -2.235  1.00 19.12 ? 5   DA  A N3    1 
ATOM   100 C  C4    . DA  A 1 5  ? -4.661  -10.532 -1.472  1.00 16.88 ? 5   DA  A C4    1 
ATOM   101 P  P     . DA  A 1 6  ? -0.411  -14.869 0.525   1.00 20.04 ? 6   DA  A P     1 
ATOM   102 O  OP1   . DA  A 1 6  ? 0.801   -15.535 -0.050  1.00 15.63 ? 6   DA  A OP1   1 
ATOM   103 O  OP2   . DA  A 1 6  ? -0.783  -15.052 1.938   1.00 14.50 ? 6   DA  A OP2   1 
ATOM   104 O  "O5'" . DA  A 1 6  ? -0.119  -13.293 0.410   1.00 15.57 ? 6   DA  A "O5'" 1 
ATOM   105 C  "C5'" . DA  A 1 6  ? 0.495   -12.790 -0.771  1.00 19.71 ? 6   DA  A "C5'" 1 
ATOM   106 C  "C4'" . DA  A 1 6  ? 0.744   -11.313 -0.601  1.00 16.44 ? 6   DA  A "C4'" 1 
ATOM   107 O  "O4'" . DA  A 1 6  ? -0.523  -10.612 -0.521  1.00 20.29 ? 6   DA  A "O4'" 1 
ATOM   108 C  "C3'" . DA  A 1 6  ? 1.539   -10.955 0.657   1.00 10.05 ? 6   DA  A "C3'" 1 
ATOM   109 O  "O3'" . DA  A 1 6  ? 2.734   -10.303 0.298   1.00 12.62 ? 6   DA  A "O3'" 1 
ATOM   110 C  "C2'" . DA  A 1 6  ? 0.617   -10.068 1.460   1.00 20.61 ? 6   DA  A "C2'" 1 
ATOM   111 C  "C1'" . DA  A 1 6  ? -0.376  -9.554  0.430   1.00 18.95 ? 6   DA  A "C1'" 1 
ATOM   112 N  N9    . DA  A 1 6  ? -1.761  -9.279  0.859   1.00 14.23 ? 6   DA  A N9    1 
ATOM   113 C  C8    . DA  A 1 6  ? -2.547  -10.151 1.577   1.00 18.52 ? 6   DA  A C8    1 
ATOM   114 N  N7    . DA  A 1 6  ? -3.734  -9.677  1.835   1.00 17.66 ? 6   DA  A N7    1 
ATOM   115 C  C5    . DA  A 1 6  ? -3.753  -8.408  1.258   1.00 22.61 ? 6   DA  A C5    1 
ATOM   116 C  C6    . DA  A 1 6  ? -4.723  -7.385  1.177   1.00 15.52 ? 6   DA  A C6    1 
ATOM   117 N  N6    . DA  A 1 6  ? -5.940  -7.451  1.695   1.00 14.89 ? 6   DA  A N6    1 
ATOM   118 N  N1    . DA  A 1 6  ? -4.413  -6.227  0.516   1.00 11.93 ? 6   DA  A N1    1 
ATOM   119 C  C2    . DA  A 1 6  ? -3.186  -6.176  0.002   1.00 14.83 ? 6   DA  A C2    1 
ATOM   120 N  N3    . DA  A 1 6  ? -2.184  -7.049  0.002   1.00 17.41 ? 6   DA  A N3    1 
ATOM   121 C  C4    . DA  A 1 6  ? -2.533  -8.165  0.656   1.00 21.05 ? 6   DA  A C4    1 
ATOM   122 P  P     . DT  A 1 7  ? 3.787   -9.713  1.344   1.00 17.58 ? 7   DT  A P     1 
ATOM   123 O  OP1   . DT  A 1 7  ? 5.130   -9.633  0.730   1.00 14.93 ? 7   DT  A OP1   1 
ATOM   124 O  OP2   . DT  A 1 7  ? 3.594   -10.403 2.649   1.00 19.00 ? 7   DT  A OP2   1 
ATOM   125 O  "O5'" . DT  A 1 7  ? 3.300   -8.192  1.536   1.00 18.45 ? 7   DT  A "O5'" 1 
ATOM   126 C  "C5'" . DT  A 1 7  ? 3.229   -7.346  0.386   1.00 18.41 ? 7   DT  A "C5'" 1 
ATOM   127 C  "C4'" . DT  A 1 7  ? 2.506   -6.074  0.758   1.00 19.49 ? 7   DT  A "C4'" 1 
ATOM   128 O  "O4'" . DT  A 1 7  ? 1.161   -6.315  1.203   1.00 16.53 ? 7   DT  A "O4'" 1 
ATOM   129 C  "C3'" . DT  A 1 7  ? 3.183   -5.324  1.911   1.00 18.26 ? 7   DT  A "C3'" 1 
ATOM   130 O  "O3'" . DT  A 1 7  ? 3.793   -4.166  1.364   1.00 18.78 ? 7   DT  A "O3'" 1 
ATOM   131 C  "C2'" . DT  A 1 7  ? 2.092   -5.029  2.902   1.00 18.69 ? 7   DT  A "C2'" 1 
ATOM   132 C  "C1'" . DT  A 1 7  ? 0.815   -5.255  2.115   1.00 19.38 ? 7   DT  A "C1'" 1 
ATOM   133 N  N1    . DT  A 1 7  ? -0.390  -5.776  2.771   1.00 17.15 ? 7   DT  A N1    1 
ATOM   134 C  C2    . DT  A 1 7  ? -1.503  -4.963  2.789   1.00 19.90 ? 7   DT  A C2    1 
ATOM   135 O  O2    . DT  A 1 7  ? -1.482  -3.859  2.270   1.00 20.12 ? 7   DT  A O2    1 
ATOM   136 N  N3    . DT  A 1 7  ? -2.594  -5.490  3.414   1.00 16.24 ? 7   DT  A N3    1 
ATOM   137 C  C4    . DT  A 1 7  ? -2.672  -6.723  4.010   1.00 13.22 ? 7   DT  A C4    1 
ATOM   138 O  O4    . DT  A 1 7  ? -3.717  -7.069  4.535   1.00 16.38 ? 7   DT  A O4    1 
ATOM   139 C  C5    . DT  A 1 7  ? -1.467  -7.528  3.967   1.00 14.45 ? 7   DT  A C5    1 
ATOM   140 C  C7    . DT  A 1 7  ? -1.475  -8.882  4.592   1.00 17.42 ? 7   DT  A C7    1 
ATOM   141 C  C6    . DT  A 1 7  ? -0.390  -7.023  3.354   1.00 14.25 ? 7   DT  A C6    1 
ATOM   142 P  P     . DT  A 1 8  ? 4.713   -3.178  2.212   1.00 23.86 ? 8   DT  A P     1 
ATOM   143 O  OP1   . DT  A 1 8  ? 5.609   -2.540  1.207   1.00 23.76 ? 8   DT  A OP1   1 
ATOM   144 O  OP2   . DT  A 1 8  ? 5.280   -3.880  3.399   1.00 26.87 ? 8   DT  A OP2   1 
ATOM   145 O  "O5'" . DT  A 1 8  ? 3.697   -2.094  2.794   1.00 21.33 ? 8   DT  A "O5'" 1 
ATOM   146 C  "C5'" . DT  A 1 8  ? 3.030   -1.157  1.965   1.00 21.58 ? 8   DT  A "C5'" 1 
ATOM   147 C  "C4'" . DT  A 1 8  ? 1.919   -0.473  2.723   1.00 21.60 ? 8   DT  A "C4'" 1 
ATOM   148 O  "O4'" . DT  A 1 8  ? 0.973   -1.428  3.254   1.00 20.19 ? 8   DT  A "O4'" 1 
ATOM   149 C  "C3'" . DT  A 1 8  ? 2.399   0.324   3.936   1.00 30.13 ? 8   DT  A "C3'" 1 
ATOM   150 O  "O3'" . DT  A 1 8  ? 2.439   1.709   3.616   1.00 32.87 ? 8   DT  A "O3'" 1 
ATOM   151 C  "C2'" . DT  A 1 8  ? 1.413   0.031   5.034   1.00 25.77 ? 8   DT  A "C2'" 1 
ATOM   152 C  "C1'" . DT  A 1 8  ? 0.316   -0.774  4.354   1.00 19.25 ? 8   DT  A "C1'" 1 
ATOM   153 N  N1    . DT  A 1 8  ? -0.311  -1.894  5.043   1.00 18.07 ? 8   DT  A N1    1 
ATOM   154 C  C2    . DT  A 1 8  ? -1.652  -1.815  5.303   1.00 19.71 ? 8   DT  A C2    1 
ATOM   155 O  O2    . DT  A 1 8  ? -2.355  -0.853  4.986   1.00 26.62 ? 8   DT  A O2    1 
ATOM   156 N  N3    . DT  A 1 8  ? -2.158  -2.905  5.953   1.00 18.35 ? 8   DT  A N3    1 
ATOM   157 C  C4    . DT  A 1 8  ? -1.470  -4.042  6.363   1.00 19.22 ? 8   DT  A C4    1 
ATOM   158 O  O4    . DT  A 1 8  ? -2.122  -4.907  6.931   1.00 20.83 ? 8   DT  A O4    1 
ATOM   159 C  C5    . DT  A 1 8  ? -0.062  -4.055  6.055   1.00 16.52 ? 8   DT  A C5    1 
ATOM   160 C  C7    . DT  A 1 8  ? 0.778   -5.239  6.454   1.00 18.30 ? 8   DT  A C7    1 
ATOM   161 C  C6    . DT  A 1 8  ? 0.450   -2.991  5.417   1.00 19.36 ? 8   DT  A C6    1 
ATOM   162 P  P     . DC  A 1 9  ? 2.936   2.807   4.695   1.00 30.65 ? 9   DC  A P     1 
ATOM   163 O  OP1   . DC  A 1 9  ? 3.587   3.889   3.909   1.00 30.44 ? 9   DC  A OP1   1 
ATOM   164 O  OP2   . DC  A 1 9  ? 3.593   2.197   5.866   1.00 25.46 ? 9   DC  A OP2   1 
ATOM   165 O  "O5'" . DC  A 1 9  ? 1.552   3.376   5.277   1.00 23.05 ? 9   DC  A "O5'" 1 
ATOM   166 C  "C5'" . DC  A 1 9  ? 0.421   3.591   4.440   1.00 26.32 ? 9   DC  A "C5'" 1 
ATOM   167 C  "C4'" . DC  A 1 9  ? -0.793  3.890   5.290   1.00 27.60 ? 9   DC  A "C4'" 1 
ATOM   168 O  "O4'" . DC  A 1 9  ? -1.204  2.678   5.959   1.00 29.80 ? 9   DC  A "O4'" 1 
ATOM   169 C  "C3'" . DC  A 1 9  ? -0.581  4.935   6.384   1.00 29.49 ? 9   DC  A "C3'" 1 
ATOM   170 O  "O3'" . DC  A 1 9  ? -1.487  6.025   6.215   1.00 38.22 ? 9   DC  A "O3'" 1 
ATOM   171 C  "C2'" . DC  A 1 9  ? -0.813  4.196   7.678   1.00 25.80 ? 9   DC  A "C2'" 1 
ATOM   172 C  "C1'" . DC  A 1 9  ? -1.651  3.000   7.281   1.00 31.65 ? 9   DC  A "C1'" 1 
ATOM   173 N  N1    . DC  A 1 9  ? -1.444  1.674   7.822   1.00 22.79 ? 9   DC  A N1    1 
ATOM   174 C  C2    . DC  A 1 9  ? -2.523  0.915   8.256   1.00 17.19 ? 9   DC  A C2    1 
ATOM   175 O  O2    . DC  A 1 9  ? -3.693  1.324   8.205   1.00 21.82 ? 9   DC  A O2    1 
ATOM   176 N  N3    . DC  A 1 9  ? -2.297  -0.340  8.760   1.00 21.66 ? 9   DC  A N3    1 
ATOM   177 C  C4    . DC  A 1 9  ? -1.036  -0.800  8.822   1.00 21.48 ? 9   DC  A C4    1 
ATOM   178 N  N4    . DC  A 1 9  ? -0.801  -2.022  9.314   1.00 20.59 ? 9   DC  A N4    1 
ATOM   179 C  C5    . DC  A 1 9  ? 0.072   -0.035  8.383   1.00 24.19 ? 9   DC  A C5    1 
ATOM   180 C  C6    . DC  A 1 9  ? -0.164  1.188   7.892   1.00 26.10 ? 9   DC  A C6    1 
ATOM   181 P  P     . DG  A 1 10 ? -1.313  7.464   6.917   1.00 33.93 ? 10  DG  A P     1 
ATOM   182 O  OP1   . DG  A 1 10 ? -2.112  8.467   6.157   1.00 54.58 ? 10  DG  A OP1   1 
ATOM   183 O  OP2   . DG  A 1 10 ? 0.084   7.790   7.261   1.00 27.94 ? 10  DG  A OP2   1 
ATOM   184 O  "O5'" . DG  A 1 10 ? -2.077  7.259   8.325   1.00 26.67 ? 10  DG  A "O5'" 1 
ATOM   185 C  "C5'" . DG  A 1 10 ? -3.486  7.013   8.290   1.00 27.84 ? 10  DG  A "C5'" 1 
ATOM   186 C  "C4'" . DG  A 1 10 ? -3.934  6.571   9.662   1.00 28.94 ? 10  DG  A "C4'" 1 
ATOM   187 O  "O4'" . DG  A 1 10 ? -3.430  5.226   9.909   1.00 27.74 ? 10  DG  A "O4'" 1 
ATOM   188 C  "C3'" . DG  A 1 10 ? -3.435  7.404   10.829  1.00 31.25 ? 10  DG  A "C3'" 1 
ATOM   189 O  "O3'" . DG  A 1 10 ? -4.391  7.524   11.865  1.00 42.03 ? 10  DG  A "O3'" 1 
ATOM   190 C  "C2'" . DG  A 1 10 ? -2.224  6.627   11.314  1.00 23.31 ? 10  DG  A "C2'" 1 
ATOM   191 C  "C1'" . DG  A 1 10 ? -2.843  5.222   11.211  1.00 21.41 ? 10  DG  A "C1'" 1 
ATOM   192 N  N9    . DG  A 1 10 ? -1.936  4.116   11.271  1.00 20.70 ? 10  DG  A N9    1 
ATOM   193 C  C8    . DG  A 1 10 ? -0.592  4.050   10.998  1.00 25.70 ? 10  DG  A C8    1 
ATOM   194 N  N7    . DG  A 1 10 ? -0.102  2.854   11.171  1.00 25.20 ? 10  DG  A N7    1 
ATOM   195 C  C5    . DG  A 1 10 ? -1.189  2.095   11.581  1.00 22.63 ? 10  DG  A C5    1 
ATOM   196 C  C6    . DG  A 1 10 ? -1.256  0.717   11.916  1.00 20.88 ? 10  DG  A C6    1 
ATOM   197 O  O6    . DG  A 1 10 ? -0.321  -0.094  11.903  1.00 20.44 ? 10  DG  A O6    1 
ATOM   198 N  N1    . DG  A 1 10 ? -2.536  0.351   12.277  1.00 21.57 ? 10  DG  A N1    1 
ATOM   199 C  C2    . DG  A 1 10 ? -3.627  1.187   12.318  1.00 17.10 ? 10  DG  A C2    1 
ATOM   200 N  N2    . DG  A 1 10 ? -4.768  0.615   12.696  1.00 12.39 ? 10  DG  A N2    1 
ATOM   201 N  N3    . DG  A 1 10 ? -3.577  2.478   12.006  1.00 20.66 ? 10  DG  A N3    1 
ATOM   202 C  C4    . DG  A 1 10 ? -2.331  2.854   11.651  1.00 19.10 ? 10  DG  A C4    1 
ATOM   203 P  P     . DC  A 1 11 ? -5.505  8.692   11.867  1.00 38.27 ? 11  DC  A P     1 
ATOM   204 O  OP1   . DC  A 1 11 ? -5.943  8.912   10.458  1.00 34.07 ? 11  DC  A OP1   1 
ATOM   205 O  OP2   . DC  A 1 11 ? -5.009  9.806   12.703  1.00 35.52 ? 11  DC  A OP2   1 
ATOM   206 O  "O5'" . DC  A 1 11 ? -6.752  7.998   12.597  1.00 39.95 ? 11  DC  A "O5'" 1 
ATOM   207 C  "C5'" . DC  A 1 11 ? -7.613  7.214   11.759  1.00 36.27 ? 11  DC  A "C5'" 1 
ATOM   208 C  "C4'" . DC  A 1 11 ? -8.133  6.023   12.520  1.00 32.21 ? 11  DC  A "C4'" 1 
ATOM   209 O  "O4'" . DC  A 1 11 ? -7.036  5.160   12.901  1.00 36.99 ? 11  DC  A "O4'" 1 
ATOM   210 C  "C3'" . DC  A 1 11 ? -8.858  6.362   13.822  1.00 29.51 ? 11  DC  A "C3'" 1 
ATOM   211 O  "O3'" . DC  A 1 11 ? -10.005 5.554   13.990  1.00 32.51 ? 11  DC  A "O3'" 1 
ATOM   212 C  "C2'" . DC  A 1 11 ? -7.817  6.098   14.883  1.00 31.04 ? 11  DC  A "C2'" 1 
ATOM   213 C  "C1'" . DC  A 1 11 ? -7.067  4.911   14.308  1.00 30.91 ? 11  DC  A "C1'" 1 
ATOM   214 N  N1    . DC  A 1 11 ? -5.648  4.742   14.505  1.00 26.51 ? 11  DC  A N1    1 
ATOM   215 C  C2    . DC  A 1 11 ? -5.196  3.472   14.852  1.00 21.36 ? 11  DC  A C2    1 
ATOM   216 O  O2    . DC  A 1 11 ? -6.009  2.548   14.978  1.00 20.77 ? 11  DC  A O2    1 
ATOM   217 N  N3    . DC  A 1 11 ? -3.878  3.280   15.041  1.00 19.79 ? 11  DC  A N3    1 
ATOM   218 C  C4    . DC  A 1 11 ? -3.024  4.287   14.897  1.00 21.89 ? 11  DC  A C4    1 
ATOM   219 N  N4    . DC  A 1 11 ? -1.732  4.060   15.094  1.00 25.12 ? 11  DC  A N4    1 
ATOM   220 C  C5    . DC  A 1 11 ? -3.459  5.598   14.544  1.00 32.73 ? 11  DC  A C5    1 
ATOM   221 C  C6    . DC  A 1 11 ? -4.768  5.772   14.358  1.00 24.91 ? 11  DC  A C6    1 
ATOM   222 P  P     . DG  A 1 12 ? -11.203 5.997   14.966  1.00 30.67 ? 12  DG  A P     1 
ATOM   223 O  OP1   . DG  A 1 12 ? -12.417 5.225   14.603  1.00 32.36 ? 12  DG  A OP1   1 
ATOM   224 O  OP2   . DG  A 1 12 ? -11.181 7.467   15.088  1.00 23.84 ? 12  DG  A OP2   1 
ATOM   225 O  "O5'" . DG  A 1 12 ? -10.725 5.428   16.402  1.00 27.34 ? 12  DG  A "O5'" 1 
ATOM   226 C  "C5'" . DG  A 1 12 ? -10.794 4.023   16.679  1.00 17.86 ? 12  DG  A "C5'" 1 
ATOM   227 C  "C4'" . DG  A 1 12 ? -10.039 3.737   17.951  1.00 16.14 ? 12  DG  A "C4'" 1 
ATOM   228 O  "O4'" . DG  A 1 12 ? -8.624  3.840   17.701  1.00 19.30 ? 12  DG  A "O4'" 1 
ATOM   229 C  "C3'" . DG  A 1 12 ? -10.290 4.708   19.101  1.00 17.94 ? 12  DG  A "C3'" 1 
ATOM   230 O  "O3'" . DG  A 1 12 ? -11.206 4.156   20.026  1.00 17.36 ? 12  DG  A "O3'" 1 
ATOM   231 C  "C2'" . DG  A 1 12 ? -8.947  4.935   19.752  1.00 27.17 ? 12  DG  A "C2'" 1 
ATOM   232 C  "C1'" . DG  A 1 12 ? -7.994  4.070   18.957  1.00 21.13 ? 12  DG  A "C1'" 1 
ATOM   233 N  N9    . DG  A 1 12 ? -6.742  4.679   18.590  1.00 17.75 ? 12  DG  A N9    1 
ATOM   234 C  C8    . DG  A 1 12 ? -6.507  5.949   18.120  1.00 27.66 ? 12  DG  A C8    1 
ATOM   235 N  N7    . DG  A 1 12 ? -5.237  6.161   17.888  1.00 27.14 ? 12  DG  A N7    1 
ATOM   236 C  C5    . DG  A 1 12 ? -4.606  4.972   18.222  1.00 23.58 ? 12  DG  A C5    1 
ATOM   237 C  C6    . DG  A 1 12 ? -3.236  4.615   18.175  1.00 22.63 ? 12  DG  A C6    1 
ATOM   238 O  O6    . DG  A 1 12 ? -2.265  5.278   17.824  1.00 22.20 ? 12  DG  A O6    1 
ATOM   239 N  N1    . DG  A 1 12 ? -3.030  3.307   18.604  1.00 16.43 ? 12  DG  A N1    1 
ATOM   240 C  C2    . DG  A 1 12 ? -4.019  2.469   19.017  1.00 13.27 ? 12  DG  A C2    1 
ATOM   241 N  N2    . DG  A 1 12 ? -3.588  1.249   19.387  1.00 16.82 ? 12  DG  A N2    1 
ATOM   242 N  N3    . DG  A 1 12 ? -5.307  2.785   19.068  1.00 15.42 ? 12  DG  A N3    1 
ATOM   243 C  C4    . DG  A 1 12 ? -5.523  4.046   18.657  1.00 18.23 ? 12  DG  A C4    1 
ATOM   244 O  "O5'" . DC  B 1 1  ? 5.000   -2.374  21.618  1.00 49.61 ? 13  DC  B "O5'" 1 
ATOM   245 C  "C5'" . DC  B 1 1  ? 4.567   -1.124  21.084  1.00 31.39 ? 13  DC  B "C5'" 1 
ATOM   246 C  "C4'" . DC  B 1 1  ? 3.226   -1.671  20.662  1.00 24.83 ? 13  DC  B "C4'" 1 
ATOM   247 O  "O4'" . DC  B 1 1  ? 2.247   -0.604  20.674  1.00 17.15 ? 13  DC  B "O4'" 1 
ATOM   248 C  "C3'" . DC  B 1 1  ? 3.163   -2.241  19.251  1.00 26.39 ? 13  DC  B "C3'" 1 
ATOM   249 O  "O3'" . DC  B 1 1  ? 2.217   -3.275  19.104  1.00 27.88 ? 13  DC  B "O3'" 1 
ATOM   250 C  "C2'" . DC  B 1 1  ? 2.753   -1.030  18.437  1.00 26.07 ? 13  DC  B "C2'" 1 
ATOM   251 C  "C1'" . DC  B 1 1  ? 1.689   -0.457  19.383  1.00 18.58 ? 13  DC  B "C1'" 1 
ATOM   252 N  N1    . DC  B 1 1  ? 1.406   0.948   19.289  1.00 20.91 ? 13  DC  B N1    1 
ATOM   253 C  C2    . DC  B 1 1  ? 0.074   1.334   19.126  1.00 23.78 ? 13  DC  B C2    1 
ATOM   254 O  O2    . DC  B 1 1  ? -0.815  0.464   19.075  1.00 18.07 ? 13  DC  B O2    1 
ATOM   255 N  N3    . DC  B 1 1  ? -0.233  2.656   19.029  1.00 19.86 ? 13  DC  B N3    1 
ATOM   256 C  C4    . DC  B 1 1  ? 0.747   3.567   19.089  1.00 26.11 ? 13  DC  B C4    1 
ATOM   257 N  N4    . DC  B 1 1  ? 0.417   4.861   18.992  1.00 20.80 ? 13  DC  B N4    1 
ATOM   258 C  C5    . DC  B 1 1  ? 2.109   3.191   19.250  1.00 30.77 ? 13  DC  B C5    1 
ATOM   259 C  C6    . DC  B 1 1  ? 2.399   1.886   19.346  1.00 25.03 ? 13  DC  B C6    1 
ATOM   260 P  P     . DG  B 1 2  ? 2.633   -4.809  18.809  1.00 26.59 ? 14  DG  B P     1 
ATOM   261 O  OP1   . DG  B 1 2  ? 3.356   -5.346  19.996  1.00 22.39 ? 14  DG  B OP1   1 
ATOM   262 O  OP2   . DG  B 1 2  ? 3.221   -4.918  17.460  1.00 25.94 ? 14  DG  B OP2   1 
ATOM   263 O  "O5'" . DG  B 1 2  ? 1.200   -5.512  18.800  1.00 24.83 ? 14  DG  B "O5'" 1 
ATOM   264 C  "C5'" . DG  B 1 2  ? 0.428   -5.461  20.013  1.00 24.57 ? 14  DG  B "C5'" 1 
ATOM   265 C  "C4'" . DG  B 1 2  ? -1.016  -5.226  19.624  1.00 24.09 ? 14  DG  B "C4'" 1 
ATOM   266 O  "O4'" . DG  B 1 2  ? -1.204  -3.856  19.219  1.00 24.52 ? 14  DG  B "O4'" 1 
ATOM   267 C  "C3'" . DG  B 1 2  ? -1.472  -6.089  18.458  1.00 27.85 ? 14  DG  B "C3'" 1 
ATOM   268 O  "O3'" . DG  B 1 2  ? -2.514  -6.959  18.865  1.00 18.18 ? 14  DG  B "O3'" 1 
ATOM   269 C  "C2'" . DG  B 1 2  ? -1.964  -5.140  17.397  1.00 33.43 ? 14  DG  B "C2'" 1 
ATOM   270 C  "C1'" . DG  B 1 2  ? -2.053  -3.797  18.080  1.00 23.02 ? 14  DG  B "C1'" 1 
ATOM   271 N  N9    . DG  B 1 2  ? -1.531  -2.680  17.320  1.00 15.31 ? 14  DG  B N9    1 
ATOM   272 C  C8    . DG  B 1 2  ? -0.235  -2.521  16.927  1.00 15.71 ? 14  DG  B C8    1 
ATOM   273 N  N7    . DG  B 1 2  ? -0.005  -1.436  16.255  1.00 21.96 ? 14  DG  B N7    1 
ATOM   274 C  C5    . DG  B 1 2  ? -1.249  -0.819  16.194  1.00 22.06 ? 14  DG  B C5    1 
ATOM   275 C  C6    . DG  B 1 2  ? -1.620  0.402   15.585  1.00 20.91 ? 14  DG  B C6    1 
ATOM   276 O  O6    . DG  B 1 2  ? -0.896  1.196   14.962  1.00 21.45 ? 14  DG  B O6    1 
ATOM   277 N  N1    . DG  B 1 2  ? -2.974  0.685   15.739  1.00 19.40 ? 14  DG  B N1    1 
ATOM   278 C  C2    . DG  B 1 2  ? -3.839  -0.141  16.414  1.00 16.49 ? 14  DG  B C2    1 
ATOM   279 N  N2    . DG  B 1 2  ? -5.114  0.280   16.472  1.00 19.01 ? 14  DG  B N2    1 
ATOM   280 N  N3    . DG  B 1 2  ? -3.493  -1.283  16.984  1.00 17.35 ? 14  DG  B N3    1 
ATOM   281 C  C4    . DG  B 1 2  ? -2.196  -1.584  16.851  1.00 17.70 ? 14  DG  B C4    1 
ATOM   282 P  P     . DC  B 1 3  ? -3.110  -8.028  17.795  1.00 26.99 ? 15  DC  B P     1 
ATOM   283 O  OP1   . DC  B 1 3  ? -3.806  -9.079  18.554  1.00 23.43 ? 15  DC  B OP1   1 
ATOM   284 O  OP2   . DC  B 1 3  ? -2.038  -8.350  16.814  1.00 36.22 ? 15  DC  B OP2   1 
ATOM   285 O  "O5'" . DC  B 1 3  ? -4.195  -7.154  17.012  1.00 24.09 ? 15  DC  B "O5'" 1 
ATOM   286 C  "C5'" . DC  B 1 3  ? -5.440  -6.738  17.569  1.00 20.50 ? 15  DC  B "C5'" 1 
ATOM   287 C  "C4'" . DC  B 1 3  ? -6.087  -5.714  16.667  1.00 16.81 ? 15  DC  B "C4'" 1 
ATOM   288 O  "O4'" . DC  B 1 3  ? -5.127  -4.704  16.283  1.00 17.24 ? 15  DC  B "O4'" 1 
ATOM   289 C  "C3'" . DC  B 1 3  ? -6.603  -6.230  15.332  1.00 16.35 ? 15  DC  B "C3'" 1 
ATOM   290 O  "O3'" . DC  B 1 3  ? -7.912  -6.761  15.441  1.00 21.60 ? 15  DC  B "O3'" 1 
ATOM   291 C  "C2'" . DC  B 1 3  ? -6.575  -5.011  14.441  1.00 28.10 ? 15  DC  B "C2'" 1 
ATOM   292 C  "C1'" . DC  B 1 3  ? -5.565  -4.081  15.079  1.00 20.86 ? 15  DC  B "C1'" 1 
ATOM   293 N  N1    . DC  B 1 3  ? -4.260  -3.888  14.475  1.00 19.27 ? 15  DC  B N1    1 
ATOM   294 C  C2    . DC  B 1 3  ? -4.035  -2.618  13.933  1.00 17.24 ? 15  DC  B C2    1 
ATOM   295 O  O2    . DC  B 1 3  ? -4.979  -1.821  14.039  1.00 21.22 ? 15  DC  B O2    1 
ATOM   296 N  N3    . DC  B 1 3  ? -2.851  -2.334  13.349  1.00 15.27 ? 15  DC  B N3    1 
ATOM   297 C  C4    . DC  B 1 3  ? -1.906  -3.282  13.291  1.00 21.56 ? 15  DC  B C4    1 
ATOM   298 N  N4    . DC  B 1 3  ? -0.738  -3.019  12.720  1.00 19.82 ? 15  DC  B N4    1 
ATOM   299 C  C5    . DC  B 1 3  ? -2.106  -4.583  13.836  1.00 22.56 ? 15  DC  B C5    1 
ATOM   300 C  C6    . DC  B 1 3  ? -3.291  -4.828  14.407  1.00 22.35 ? 15  DC  B C6    1 
ATOM   301 P  P     . DG  B 1 4  ? -8.541  -7.569  14.201  1.00 28.06 ? 16  DG  B P     1 
ATOM   302 O  OP1   . DG  B 1 4  ? -9.536  -8.543  14.721  1.00 39.14 ? 16  DG  B OP1   1 
ATOM   303 O  OP2   . DG  B 1 4  ? -7.449  -8.090  13.332  1.00 33.31 ? 16  DG  B OP2   1 
ATOM   304 O  "O5'" . DG  B 1 4  ? -9.289  -6.451  13.351  1.00 22.69 ? 16  DG  B "O5'" 1 
ATOM   305 C  "C5'" . DG  B 1 4  ? -10.232 -5.543  13.915  1.00 28.43 ? 16  DG  B "C5'" 1 
ATOM   306 C  "C4'" . DG  B 1 4  ? -10.519 -4.415  12.952  1.00 20.79 ? 16  DG  B "C4'" 1 
ATOM   307 O  "O4'" . DG  B 1 4  ? -9.296  -3.741  12.568  1.00 19.46 ? 16  DG  B "O4'" 1 
ATOM   308 C  "C3'" . DG  B 1 4  ? -11.167 -4.846  11.636  1.00 34.63 ? 16  DG  B "C3'" 1 
ATOM   309 O  "O3'" . DG  B 1 4  ? -12.188 -3.925  11.283  1.00 33.61 ? 16  DG  B "O3'" 1 
ATOM   310 C  "C2'" . DG  B 1 4  ? -10.032 -4.878  10.646  1.00 33.93 ? 16  DG  B "C2'" 1 
ATOM   311 C  "C1'" . DG  B 1 4  ? -9.096  -3.796  11.169  1.00 20.51 ? 16  DG  B "C1'" 1 
ATOM   312 N  N9    . DG  B 1 4  ? -7.685  -4.073  10.998  1.00 21.49 ? 16  DG  B N9    1 
ATOM   313 C  C8    . DG  B 1 4  ? -7.022  -5.265  11.154  1.00 19.78 ? 16  DG  B C8    1 
ATOM   314 N  N7    . DG  B 1 4  ? -5.749  -5.174  10.922  1.00 18.08 ? 16  DG  B N7    1 
ATOM   315 C  C5    . DG  B 1 4  ? -5.532  -3.842  10.591  1.00 21.89 ? 16  DG  B C5    1 
ATOM   316 C  C6    . DG  B 1 4  ? -4.348  -3.142  10.241  1.00 25.10 ? 16  DG  B C6    1 
ATOM   317 O  O6    . DG  B 1 4  ? -3.167  -3.495  10.124  1.00 17.63 ? 16  DG  B O6    1 
ATOM   318 N  N1    . DG  B 1 4  ? -4.602  -1.793  9.984   1.00 22.07 ? 16  DG  B N1    1 
ATOM   319 C  C2    . DG  B 1 4  ? -5.851  -1.212  10.059  1.00 18.00 ? 16  DG  B C2    1 
ATOM   320 N  N2    . DG  B 1 4  ? -5.866  0.088   9.774   1.00 19.47 ? 16  DG  B N2    1 
ATOM   321 N  N3    . DG  B 1 4  ? -6.958  -1.842  10.382  1.00 18.51 ? 16  DG  B N3    1 
ATOM   322 C  C4    . DG  B 1 4  ? -6.731  -3.152  10.636  1.00 21.96 ? 16  DG  B C4    1 
ATOM   323 P  P     . DA  B 1 5  ? -12.770 -3.815  9.787   1.00 37.49 ? 17  DA  B P     1 
ATOM   324 O  OP1   . DA  B 1 5  ? -14.170 -3.296  9.844   1.00 47.17 ? 17  DA  B OP1   1 
ATOM   325 O  OP2   . DA  B 1 5  ? -12.526 -5.049  9.007   1.00 28.05 ? 17  DA  B OP2   1 
ATOM   326 O  "O5'" . DA  B 1 5  ? -11.862 -2.648  9.179   1.00 32.92 ? 17  DA  B "O5'" 1 
ATOM   327 C  "C5'" . DA  B 1 5  ? -11.767 -1.388  9.841   1.00 27.82 ? 17  DA  B "C5'" 1 
ATOM   328 C  "C4'" . DA  B 1 5  ? -11.205 -0.359  8.894   1.00 29.27 ? 17  DA  B "C4'" 1 
ATOM   329 O  "O4'" . DA  B 1 5  ? -9.811  -0.638  8.625   1.00 29.53 ? 17  DA  B "O4'" 1 
ATOM   330 C  "C3'" . DA  B 1 5  ? -11.890 -0.305  7.527   1.00 33.13 ? 17  DA  B "C3'" 1 
ATOM   331 O  "O3'" . DA  B 1 5  ? -11.994 1.039   7.106   1.00 40.91 ? 17  DA  B "O3'" 1 
ATOM   332 C  "C2'" . DA  B 1 5  ? -11.003 -1.146  6.642   1.00 25.31 ? 17  DA  B "C2'" 1 
ATOM   333 C  "C1'" . DA  B 1 5  ? -9.632  -0.940  7.248   1.00 30.32 ? 17  DA  B "C1'" 1 
ATOM   334 N  N9    . DA  B 1 5  ? -8.702  -2.102  7.296   1.00 23.29 ? 17  DA  B N9    1 
ATOM   335 C  C8    . DA  B 1 5  ? -9.061  -3.407  7.531   1.00 26.21 ? 17  DA  B C8    1 
ATOM   336 N  N7    . DA  B 1 5  ? -8.039  -4.230  7.514   1.00 17.78 ? 17  DA  B N7    1 
ATOM   337 C  C5    . DA  B 1 5  ? -6.951  -3.418  7.254   1.00 18.02 ? 17  DA  B C5    1 
ATOM   338 C  C6    . DA  B 1 5  ? -5.574  -3.690  7.113   1.00 20.91 ? 17  DA  B C6    1 
ATOM   339 N  N6    . DA  B 1 5  ? -5.038  -4.914  7.220   1.00 21.95 ? 17  DA  B N6    1 
ATOM   340 N  N1    . DA  B 1 5  ? -4.771  -2.646  6.855   1.00 23.00 ? 17  DA  B N1    1 
ATOM   341 C  C2    . DA  B 1 5  ? -5.301  -1.417  6.746   1.00 23.96 ? 17  DA  B C2    1 
ATOM   342 N  N3    . DA  B 1 5  ? -6.569  -1.035  6.858   1.00 20.76 ? 17  DA  B N3    1 
ATOM   343 C  C4    . DA  B 1 5  ? -7.348  -2.101  7.115   1.00 18.43 ? 17  DA  B C4    1 
ATOM   344 P  P     . DA  B 1 6  ? -12.295 1.484   5.601   1.00 40.00 ? 18  DA  B P     1 
ATOM   345 O  OP1   . DA  B 1 6  ? -12.759 2.904   5.617   1.00 61.81 ? 18  DA  B OP1   1 
ATOM   346 O  OP2   . DA  B 1 6  ? -13.120 0.453   4.907   1.00 26.06 ? 18  DA  B OP2   1 
ATOM   347 O  "O5'" . DA  B 1 6  ? -10.874 1.489   4.878   1.00 27.88 ? 18  DA  B "O5'" 1 
ATOM   348 C  "C5'" . DA  B 1 6  ? -9.873  2.452   5.196   1.00 31.29 ? 18  DA  B "C5'" 1 
ATOM   349 C  "C4'" . DA  B 1 6  ? -8.717  2.283   4.236   1.00 33.67 ? 18  DA  B "C4'" 1 
ATOM   350 O  "O4'" . DA  B 1 6  ? -8.098  0.989   4.434   1.00 28.55 ? 18  DA  B "O4'" 1 
ATOM   351 C  "C3'" . DA  B 1 6  ? -9.112  2.352   2.763   1.00 28.01 ? 18  DA  B "C3'" 1 
ATOM   352 O  "O3'" . DA  B 1 6  ? -8.288  3.291   2.096   1.00 39.22 ? 18  DA  B "O3'" 1 
ATOM   353 C  "C2'" . DA  B 1 6  ? -8.927  0.940   2.253   1.00 26.62 ? 18  DA  B "C2'" 1 
ATOM   354 C  "C1'" . DA  B 1 6  ? -7.822  0.414   3.155   1.00 24.00 ? 18  DA  B "C1'" 1 
ATOM   355 N  N9    . DA  B 1 6  ? -7.731  -1.034  3.457   1.00 22.11 ? 18  DA  B N9    1 
ATOM   356 C  C8    . DA  B 1 6  ? -8.803  -1.841  3.791   1.00 22.01 ? 18  DA  B C8    1 
ATOM   357 N  N7    . DA  B 1 6  ? -8.475  -3.090  4.016   1.00 24.90 ? 18  DA  B N7    1 
ATOM   358 C  C5    . DA  B 1 6  ? -7.105  -3.121  3.822   1.00 15.20 ? 18  DA  B C5    1 
ATOM   359 C  C6    . DA  B 1 6  ? -6.154  -4.160  3.907   1.00 16.26 ? 18  DA  B C6    1 
ATOM   360 N  N6    . DA  B 1 6  ? -6.453  -5.417  4.226   1.00 15.08 ? 18  DA  B N6    1 
ATOM   361 N  N1    . DA  B 1 6  ? -4.861  -3.876  3.654   1.00 14.08 ? 18  DA  B N1    1 
ATOM   362 C  C2    . DA  B 1 6  ? -4.549  -2.607  3.333   1.00 23.40 ? 18  DA  B C2    1 
ATOM   363 N  N3    . DA  B 1 6  ? -5.357  -1.551  3.222   1.00 26.69 ? 18  DA  B N3    1 
ATOM   364 C  C4    . DA  B 1 6  ? -6.633  -1.863  3.478   1.00 18.53 ? 18  DA  B C4    1 
ATOM   365 P  P     . DT  B 1 7  ? -8.475  3.599   0.522   1.00 33.10 ? 19  DT  B P     1 
ATOM   366 O  OP1   . DT  B 1 7  ? -8.150  5.045   0.324   1.00 37.07 ? 19  DT  B OP1   1 
ATOM   367 O  OP2   . DT  B 1 7  ? -9.697  2.970   0.007   1.00 23.42 ? 19  DT  B OP2   1 
ATOM   368 O  "O5'" . DT  B 1 7  ? -7.263  2.761   -0.134  1.00 28.33 ? 19  DT  B "O5'" 1 
ATOM   369 C  "C5'" . DT  B 1 7  ? -5.980  2.900   0.479   1.00 26.01 ? 19  DT  B "C5'" 1 
ATOM   370 C  "C4'" . DT  B 1 7  ? -5.060  1.844   -0.078  1.00 25.54 ? 19  DT  B "C4'" 1 
ATOM   371 O  "O4'" . DT  B 1 7  ? -5.459  0.529   0.346   1.00 18.18 ? 19  DT  B "O4'" 1 
ATOM   372 C  "C3'" . DT  B 1 7  ? -5.039  1.790   -1.614  1.00 19.87 ? 19  DT  B "C3'" 1 
ATOM   373 O  "O3'" . DT  B 1 7  ? -3.760  2.209   -2.045  1.00 20.81 ? 19  DT  B "O3'" 1 
ATOM   374 C  "C2'" . DT  B 1 7  ? -5.369  0.360   -1.968  1.00 18.09 ? 19  DT  B "C2'" 1 
ATOM   375 C  "C1'" . DT  B 1 7  ? -5.019  -0.386  -0.677  1.00 22.16 ? 19  DT  B "C1'" 1 
ATOM   376 N  N1    . DT  B 1 7  ? -5.693  -1.609  -0.267  1.00 17.63 ? 19  DT  B N1    1 
ATOM   377 C  C2    . DT  B 1 7  ? -4.949  -2.746  -0.012  1.00 13.93 ? 19  DT  B C2    1 
ATOM   378 O  O2    . DT  B 1 7  ? -3.735  -2.807  -0.106  1.00 15.54 ? 19  DT  B O2    1 
ATOM   379 N  N3    . DT  B 1 7  ? -5.695  -3.830  0.361   1.00 11.18 ? 19  DT  B N3    1 
ATOM   380 C  C4    . DT  B 1 7  ? -7.049  -3.934  0.517   1.00 19.39 ? 19  DT  B C4    1 
ATOM   381 O  O4    . DT  B 1 7  ? -7.564  -4.985  0.862   1.00 18.36 ? 19  DT  B O4    1 
ATOM   382 C  C5    . DT  B 1 7  ? -7.776  -2.706  0.235   1.00 18.94 ? 19  DT  B C5    1 
ATOM   383 C  C7    . DT  B 1 7  ? -9.266  -2.715  0.372   1.00 25.04 ? 19  DT  B C7    1 
ATOM   384 C  C6    . DT  B 1 7  ? -7.060  -1.643  -0.134  1.00 21.28 ? 19  DT  B C6    1 
ATOM   385 P  P     . DT  B 1 8  ? -3.370  2.393   -3.604  1.00 27.93 ? 20  DT  B P     1 
ATOM   386 O  OP1   . DT  B 1 8  ? -2.385  3.484   -3.662  1.00 21.55 ? 20  DT  B OP1   1 
ATOM   387 O  OP2   . DT  B 1 8  ? -4.650  2.418   -4.377  1.00 20.95 ? 20  DT  B OP2   1 
ATOM   388 O  "O5'" . DT  B 1 8  ? -2.661  1.011   -3.988  1.00 24.75 ? 20  DT  B "O5'" 1 
ATOM   389 C  "C5'" . DT  B 1 8  ? -1.519  0.492   -3.317  1.00 18.18 ? 20  DT  B "C5'" 1 
ATOM   390 C  "C4'" . DT  B 1 8  ? -1.325  -0.952  -3.698  1.00 17.74 ? 20  DT  B "C4'" 1 
ATOM   391 O  "O4'" . DT  B 1 8  ? -2.407  -1.785  -3.238  1.00 20.57 ? 20  DT  B "O4'" 1 
ATOM   392 C  "C3'" . DT  B 1 8  ? -1.265  -1.168  -5.219  1.00 18.85 ? 20  DT  B "C3'" 1 
ATOM   393 O  "O3'" . DT  B 1 8  ? 0.076   -1.468  -5.582  1.00 27.78 ? 20  DT  B "O3'" 1 
ATOM   394 C  "C2'" . DT  B 1 8  ? -2.239  -2.279  -5.495  1.00 18.89 ? 20  DT  B "C2'" 1 
ATOM   395 C  "C1'" . DT  B 1 8  ? -2.452  -2.919  -4.133  1.00 15.07 ? 20  DT  B "C1'" 1 
ATOM   396 N  N1    . DT  B 1 8  ? -3.714  -3.532  -3.738  1.00 22.01 ? 20  DT  B N1    1 
ATOM   397 C  C2    . DT  B 1 8  ? -3.689  -4.831  -3.281  1.00 15.47 ? 20  DT  B C2    1 
ATOM   398 O  O2    . DT  B 1 8  ? -2.665  -5.482  -3.198  1.00 19.71 ? 20  DT  B O2    1 
ATOM   399 N  N3    . DT  B 1 8  ? -4.912  -5.321  -2.932  1.00 17.40 ? 20  DT  B N3    1 
ATOM   400 C  C4    . DT  B 1 8  ? -6.128  -4.667  -2.992  1.00 16.72 ? 20  DT  B C4    1 
ATOM   401 O  O4    . DT  B 1 8  ? -7.134  -5.258  -2.641  1.00 17.03 ? 20  DT  B O4    1 
ATOM   402 C  C5    . DT  B 1 8  ? -6.081  -3.304  -3.482  1.00 21.37 ? 20  DT  B C5    1 
ATOM   403 C  C7    . DT  B 1 8  ? -7.351  -2.515  -3.579  1.00 29.93 ? 20  DT  B C7    1 
ATOM   404 C  C6    . DT  B 1 8  ? -4.892  -2.821  -3.821  1.00 25.19 ? 20  DT  B C6    1 
ATOM   405 P  P     . DC  B 1 9  ? 0.493   -1.669  -7.132  1.00 27.95 ? 21  DC  B P     1 
ATOM   406 O  OP1   . DC  B 1 9  ? 1.873   -1.212  -7.311  1.00 30.21 ? 21  DC  B OP1   1 
ATOM   407 O  OP2   . DC  B 1 9  ? -0.583  -1.166  -8.023  1.00 26.48 ? 21  DC  B OP2   1 
ATOM   408 O  "O5'" . DC  B 1 9  ? 0.432   -3.270  -7.294  1.00 28.03 ? 21  DC  B "O5'" 1 
ATOM   409 C  "C5'" . DC  B 1 9  ? 1.116   -4.057  -6.310  1.00 29.49 ? 21  DC  B "C5'" 1 
ATOM   410 C  "C4'" . DC  B 1 9  ? 0.815   -5.521  -6.541  1.00 19.10 ? 21  DC  B "C4'" 1 
ATOM   411 O  "O4'" . DC  B 1 9  ? -0.546  -5.818  -6.155  1.00 14.80 ? 21  DC  B "O4'" 1 
ATOM   412 C  "C3'" . DC  B 1 9  ? 0.964   -5.967  -7.999  1.00 22.50 ? 21  DC  B "C3'" 1 
ATOM   413 O  "O3'" . DC  B 1 9  ? 1.980   -6.967  -8.099  1.00 18.62 ? 21  DC  B "O3'" 1 
ATOM   414 C  "C2'" . DC  B 1 9  ? -0.399  -6.469  -8.392  1.00 19.95 ? 21  DC  B "C2'" 1 
ATOM   415 C  "C1'" . DC  B 1 9  ? -1.077  -6.781  -7.071  1.00 17.32 ? 21  DC  B "C1'" 1 
ATOM   416 N  N1    . DC  B 1 9  ? -2.465  -6.483  -6.831  1.00 23.55 ? 21  DC  B N1    1 
ATOM   417 C  C2    . DC  B 1 9  ? -3.274  -7.519  -6.338  1.00 19.71 ? 21  DC  B C2    1 
ATOM   418 O  O2    . DC  B 1 9  ? -2.796  -8.643  -6.125  1.00 22.79 ? 21  DC  B O2    1 
ATOM   419 N  N3    . DC  B 1 9  ? -4.577  -7.266  -6.105  1.00 14.60 ? 21  DC  B N3    1 
ATOM   420 C  C4    . DC  B 1 9  ? -5.105  -6.066  -6.330  1.00 15.51 ? 21  DC  B C4    1 
ATOM   421 N  N4    . DC  B 1 9  ? -6.399  -5.857  -6.083  1.00 14.68 ? 21  DC  B N4    1 
ATOM   422 C  C5    . DC  B 1 9  ? -4.305  -5.005  -6.826  1.00 14.42 ? 21  DC  B C5    1 
ATOM   423 C  C6    . DC  B 1 9  ? -3.009  -5.252  -7.060  1.00 26.66 ? 21  DC  B C6    1 
ATOM   424 P  P     . DG  B 1 10 ? 2.622   -7.351  -9.530  1.00 24.43 ? 22  DG  B P     1 
ATOM   425 O  OP1   . DG  B 1 10 ? 3.971   -7.927  -9.293  1.00 22.96 ? 22  DG  B OP1   1 
ATOM   426 O  OP2   . DG  B 1 10 ? 2.473   -6.252  -10.522 1.00 21.73 ? 22  DG  B OP2   1 
ATOM   427 O  "O5'" . DG  B 1 10 ? 1.608   -8.510  -9.975  1.00 18.74 ? 22  DG  B "O5'" 1 
ATOM   428 C  "C5'" . DG  B 1 10 ? 1.451   -9.692  -9.192  1.00 20.97 ? 22  DG  B "C5'" 1 
ATOM   429 C  "C4'" . DG  B 1 10 ? 0.305   -10.518 -9.718  1.00 18.01 ? 22  DG  B "C4'" 1 
ATOM   430 O  "O4'" . DG  B 1 10 ? -0.952  -9.873  -9.365  1.00 22.96 ? 22  DG  B "O4'" 1 
ATOM   431 C  "C3'" . DG  B 1 10 ? 0.240   -10.699 -11.229 1.00 20.63 ? 22  DG  B "C3'" 1 
ATOM   432 O  "O3'" . DG  B 1 10 ? -0.134  -12.010 -11.573 1.00 22.92 ? 22  DG  B "O3'" 1 
ATOM   433 C  "C2'" . DG  B 1 10 ? -0.814  -9.698  -11.678 1.00 16.91 ? 22  DG  B "C2'" 1 
ATOM   434 C  "C1'" . DG  B 1 10 ? -1.794  -9.899  -10.519 1.00 15.11 ? 22  DG  B "C1'" 1 
ATOM   435 N  N9    . DG  B 1 10 ? -2.795  -8.881  -10.336 1.00 18.55 ? 22  DG  B N9    1 
ATOM   436 C  C8    . DG  B 1 10 ? -2.800  -7.547  -10.632 1.00 20.36 ? 22  DG  B C8    1 
ATOM   437 N  N7    . DG  B 1 10 ? -3.923  -6.949  -10.305 1.00 10.96 ? 22  DG  B N7    1 
ATOM   438 C  C5    . DG  B 1 10 ? -4.699  -7.959  -9.759  1.00 18.06 ? 22  DG  B C5    1 
ATOM   439 C  C6    . DG  B 1 10 ? -6.007  -7.941  -9.227  1.00 16.83 ? 22  DG  B C6    1 
ATOM   440 O  O6    . DG  B 1 10 ? -6.769  -6.976  -9.128  1.00 16.04 ? 22  DG  B O6    1 
ATOM   441 N  N1    . DG  B 1 10 ? -6.411  -9.192  -8.781  1.00 13.97 ? 22  DG  B N1    1 
ATOM   442 C  C2    . DG  B 1 10 ? -5.642  -10.334 -8.840  1.00 15.25 ? 22  DG  B C2    1 
ATOM   443 N  N2    . DG  B 1 10 ? -6.222  -11.432 -8.357  1.00 13.63 ? 22  DG  B N2    1 
ATOM   444 N  N3    . DG  B 1 10 ? -4.421  -10.372 -9.333  1.00 18.30 ? 22  DG  B N3    1 
ATOM   445 C  C4    . DG  B 1 10 ? -4.018  -9.161  -9.771  1.00 16.06 ? 22  DG  B C4    1 
ATOM   446 P  P     . DC  B 1 11 ? 0.469   -12.811 -12.828 1.00 29.04 ? 23  DC  B P     1 
ATOM   447 O  OP1   . DC  B 1 11 ? 1.845   -13.244 -12.525 1.00 28.50 ? 23  DC  B OP1   1 
ATOM   448 O  OP2   . DC  B 1 11 ? 0.176   -12.108 -14.101 1.00 24.27 ? 23  DC  B OP2   1 
ATOM   449 O  "O5'" . DC  B 1 11 ? -0.470  -14.115 -12.867 1.00 25.46 ? 23  DC  B "O5'" 1 
ATOM   450 C  "C5'" . DC  B 1 11 ? -0.694  -14.892 -11.690 1.00 25.76 ? 23  DC  B "C5'" 1 
ATOM   451 C  "C4'" . DC  B 1 11 ? -2.138  -15.326 -11.645 1.00 23.60 ? 23  DC  B "C4'" 1 
ATOM   452 O  "O4'" . DC  B 1 11 ? -2.940  -14.191 -11.228 1.00 19.62 ? 23  DC  B "O4'" 1 
ATOM   453 C  "C3'" . DC  B 1 11 ? -2.742  -15.785 -12.960 1.00 25.06 ? 23  DC  B "C3'" 1 
ATOM   454 O  "O3'" . DC  B 1 11 ? -2.756  -17.206 -13.095 1.00 28.73 ? 23  DC  B "O3'" 1 
ATOM   455 C  "C2'" . DC  B 1 11 ? -4.155  -15.271 -12.933 1.00 28.01 ? 23  DC  B "C2'" 1 
ATOM   456 C  "C1'" . DC  B 1 11 ? -4.225  -14.282 -11.796 1.00 21.62 ? 23  DC  B "C1'" 1 
ATOM   457 N  N1    . DC  B 1 11 ? -4.454  -12.900 -12.164 1.00 17.03 ? 23  DC  B N1    1 
ATOM   458 C  C2    . DC  B 1 11 ? -5.734  -12.435 -11.839 1.00 13.97 ? 23  DC  B C2    1 
ATOM   459 O  O2    . DC  B 1 11 ? -6.497  -13.234 -11.284 1.00 15.63 ? 23  DC  B O2    1 
ATOM   460 N  N3    . DC  B 1 11 ? -6.032  -11.162 -12.148 1.00 20.46 ? 23  DC  B N3    1 
ATOM   461 C  C4    . DC  B 1 11 ? -5.144  -10.376 -12.747 1.00 18.45 ? 23  DC  B C4    1 
ATOM   462 N  N4    . DC  B 1 11 ? -5.505  -9.129  -13.022 1.00 13.64 ? 23  DC  B N4    1 
ATOM   463 C  C5    . DC  B 1 11 ? -3.833  -10.826 -13.093 1.00 18.63 ? 23  DC  B C5    1 
ATOM   464 C  C6    . DC  B 1 11 ? -3.552  -12.096 -12.777 1.00 24.21 ? 23  DC  B C6    1 
ATOM   465 P  P     . DG  B 1 12 ? -3.212  -17.827 -14.521 1.00 29.85 ? 24  DG  B P     1 
ATOM   466 O  OP1   . DG  B 1 12 ? -2.921  -19.283 -14.519 1.00 53.44 ? 24  DG  B OP1   1 
ATOM   467 O  OP2   . DG  B 1 12 ? -2.739  -16.960 -15.629 1.00 27.23 ? 24  DG  B OP2   1 
ATOM   468 O  "O5'" . DG  B 1 12 ? -4.810  -17.684 -14.533 1.00 22.83 ? 24  DG  B "O5'" 1 
ATOM   469 C  "C5'" . DG  B 1 12 ? -5.685  -18.450 -13.708 1.00 16.45 ? 24  DG  B "C5'" 1 
ATOM   470 C  "C4'" . DG  B 1 12 ? -7.092  -17.926 -13.823 1.00 23.05 ? 24  DG  B "C4'" 1 
ATOM   471 O  "O4'" . DG  B 1 12 ? -7.160  -16.539 -13.399 1.00 22.00 ? 24  DG  B "O4'" 1 
ATOM   472 C  "C3'" . DG  B 1 12 ? -7.678  -17.904 -15.231 1.00 26.34 ? 24  DG  B "C3'" 1 
ATOM   473 O  "O3'" . DG  B 1 12 ? -8.251  -19.152 -15.586 1.00 29.23 ? 24  DG  B "O3'" 1 
ATOM   474 C  "C2'" . DG  B 1 12 ? -8.730  -16.825 -15.170 1.00 32.84 ? 24  DG  B "C2'" 1 
ATOM   475 C  "C1'" . DG  B 1 12 ? -8.222  -15.883 -14.096 1.00 24.10 ? 24  DG  B "C1'" 1 
ATOM   476 N  N9    . DG  B 1 12 ? -7.629  -14.658 -14.590 1.00 21.17 ? 24  DG  B N9    1 
ATOM   477 C  C8    . DG  B 1 12 ? -6.420  -14.394 -15.162 1.00 25.65 ? 24  DG  B C8    1 
ATOM   478 N  N7    . DG  B 1 12 ? -6.234  -13.141 -15.486 1.00 14.51 ? 24  DG  B N7    1 
ATOM   479 C  C5    . DG  B 1 12 ? -7.421  -12.537 -15.092 1.00 14.50 ? 24  DG  B C5    1 
ATOM   480 C  C6    . DG  B 1 12 ? -7.813  -11.172 -15.189 1.00 13.30 ? 24  DG  B C6    1 
ATOM   481 O  O6    . DG  B 1 12 ? -7.194  -10.199 -15.645 1.00 19.60 ? 24  DG  B O6    1 
ATOM   482 N  N1    . DG  B 1 12 ? -9.089  -11.001 -14.672 1.00 16.94 ? 24  DG  B N1    1 
ATOM   483 C  C2    . DG  B 1 12 ? -9.879  -11.980 -14.142 1.00 16.64 ? 24  DG  B C2    1 
ATOM   484 N  N2    . DG  B 1 12 ? -11.063 -11.545 -13.717 1.00 16.26 ? 24  DG  B N2    1 
ATOM   485 N  N3    . DG  B 1 12 ? -9.534  -13.257 -14.043 1.00 12.56 ? 24  DG  B N3    1 
ATOM   486 C  C4    . DG  B 1 12 ? -8.290  -13.445 -14.541 1.00 16.44 ? 24  DG  B C4    1 
HETATM 487 MG MG    . MG  C 2 .  ? 3.627   -14.724 2.928   1.00 17.84 ? 26  MG  A MG    1 
HETATM 488 C  C1    . BPF D 3 .  ? -0.899  0.695   0.837   1.00 32.67 ? 25  BPF B C1    1 
HETATM 489 C  C2    . BPF D 3 .  ? -0.738  2.028   1.194   1.00 32.90 ? 25  BPF B C2    1 
HETATM 490 C  C3    . BPF D 3 .  ? -1.644  2.632   2.056   1.00 30.33 ? 25  BPF B C3    1 
HETATM 491 C  C4    . BPF D 3 .  ? -2.713  1.903   2.564   1.00 31.46 ? 25  BPF B C4    1 
HETATM 492 C  C5    . BPF D 3 .  ? -2.875  0.569   2.207   1.00 30.00 ? 25  BPF B C5    1 
HETATM 493 C  C6    . BPF D 3 .  ? -1.969  -0.036  1.344   1.00 31.26 ? 25  BPF B C6    1 
HETATM 494 O  O1    . BPF D 3 .  ? -0.183  -1.359  -0.366  1.00 32.96 ? 25  BPF B O1    1 
HETATM 495 C  CA    . BPF D 3 .  ? 0.000   0.000   0.000   1.00 32.55 ? 25  BPF B CA    1 
HETATM 496 C  CB    . BPF D 3 .  ? 1.183   0.470   -0.628  1.00 35.95 ? 25  BPF B CB    1 
HETATM 497 C  "CB'" . BPF D 3 .  ? 1.732   -0.600  -1.384  1.00 31.38 ? 25  BPF B "CB'" 1 
HETATM 498 C  "CA'" . BPF D 3 .  ? 0.888   -1.731  -1.221  1.00 28.50 ? 25  BPF B "CA'" 1 
HETATM 499 C  C7    . BPF D 3 .  ? -3.683  2.394   3.469   1.00 39.11 ? 25  BPF B C7    1 
HETATM 500 N  N1    . BPF D 3 .  ? -4.057  1.659   4.536   1.00 28.99 ? 25  BPF B N1    1 
HETATM 501 N  N2    . BPF D 3 .  ? -4.268  3.604   3.299   1.00 45.07 ? 25  BPF B N2    1 
HETATM 502 C  C8    . BPF D 3 .  ? -5.185  4.185   4.028   1.00 55.95 ? 25  BPF B C8    1 
HETATM 503 C  C9    . BPF D 3 .  ? -5.047  5.717   4.114   1.00 60.08 ? 25  BPF B C9    1 
HETATM 504 C  "C1'" . BPF D 3 .  ? 1.030   -3.033  -1.744  1.00 22.44 ? 25  BPF B "C1'" 1 
HETATM 505 C  "C2'" . BPF D 3 .  ? 2.033   -3.490  -2.590  1.00 29.35 ? 25  BPF B "C2'" 1 
HETATM 506 C  "C3'" . BPF D 3 .  ? 2.020   -4.806  -3.038  1.00 28.84 ? 25  BPF B "C3'" 1 
HETATM 507 C  "C4'" . BPF D 3 .  ? 1.002   -5.665  -2.638  1.00 33.82 ? 25  BPF B "C4'" 1 
HETATM 508 C  "C5'" . BPF D 3 .  ? -0.001  -5.208  -1.791  1.00 26.56 ? 25  BPF B "C5'" 1 
HETATM 509 C  "C6'" . BPF D 3 .  ? 0.013   -3.891  -1.345  1.00 20.82 ? 25  BPF B "C6'" 1 
HETATM 510 C  "C7'" . BPF D 3 .  ? 0.851   -7.006  -3.056  1.00 30.37 ? 25  BPF B "C7'" 1 
HETATM 511 N  "N1'" . BPF D 3 .  ? -0.376  -7.556  -3.101  1.00 24.30 ? 25  BPF B "N1'" 1 
HETATM 512 N  "N2'" . BPF D 3 .  ? 1.899   -7.768  -3.452  1.00 37.15 ? 25  BPF B "N2'" 1 
HETATM 513 C  "C8'" . BPF D 3 .  ? 1.882   -8.997  -3.912  1.00 39.90 ? 25  BPF B "C8'" 1 
HETATM 514 C  "C9'" . BPF D 3 .  ? 2.794   -9.203  -5.139  1.00 50.58 ? 25  BPF B "C9'" 1 
HETATM 515 O  O     . HOH E 4 .  ? 5.942   -12.195 0.647   1.00 19.67 ? 27  HOH A O     1 
HETATM 516 O  O     . HOH E 4 .  ? 4.188   -4.594  5.914   1.00 20.19 ? 28  HOH A O     1 
HETATM 517 O  O     . HOH E 4 .  ? 3.614   -12.361 -2.843  1.00 29.08 ? 29  HOH A O     1 
HETATM 518 O  O     . HOH E 4 .  ? 2.356   -8.996  4.560   1.00 17.70 ? 31  HOH A O     1 
HETATM 519 O  O     . HOH E 4 .  ? -10.991 -4.939  -6.358  1.00 25.08 ? 32  HOH A O     1 
HETATM 520 O  O     . HOH E 4 .  ? -14.189 -4.873  -9.539  1.00 25.79 ? 33  HOH A O     1 
HETATM 521 O  O     . HOH E 4 .  ? 1.605   -18.288 -0.006  1.00 28.72 ? 34  HOH A O     1 
HETATM 522 O  O     . HOH E 4 .  ? 0.706   -12.110 5.229   1.00 26.82 ? 36  HOH A O     1 
HETATM 523 O  O     . HOH E 4 .  ? 1.899   -3.150  9.322   1.00 23.56 ? 37  HOH A O     1 
HETATM 524 O  O     . HOH E 4 .  ? -19.569 -6.825  -14.442 1.00 29.68 ? 39  HOH A O     1 
HETATM 525 O  O     . HOH E 4 .  ? -11.976 -6.516  -17.671 1.00 24.36 ? 40  HOH A O     1 
HETATM 526 O  O     . HOH E 4 .  ? -4.609  -9.034  5.879   1.00 29.97 ? 41  HOH A O     1 
HETATM 527 O  O     . HOH E 4 .  ? -1.448  -13.017 3.008   1.00 27.85 ? 43  HOH A O     1 
HETATM 528 O  O     . HOH E 4 .  ? 1.575   -5.306  10.319  1.00 41.58 ? 46  HOH A O     1 
HETATM 529 O  O     . HOH E 4 .  ? -18.876 -12.690 -5.194  1.00 27.74 ? 47  HOH A O     1 
HETATM 530 O  O     . HOH E 4 .  ? -5.958  3.432   10.872  1.00 25.60 ? 50  HOH A O     1 
HETATM 531 O  O     . HOH E 4 .  ? -5.711  -10.742 3.619   1.00 33.53 ? 51  HOH A O     1 
HETATM 532 O  O     . HOH E 4 .  ? -8.865  8.042   17.761  1.00 36.30 ? 52  HOH A O     1 
HETATM 533 O  O     . HOH E 4 .  ? -4.948  -14.174 -4.928  1.00 25.95 ? 54  HOH A O     1 
HETATM 534 O  O     . HOH E 4 .  ? -6.782  8.425   8.375   1.00 42.30 ? 56  HOH A O     1 
HETATM 535 O  O     . HOH E 4 .  ? -1.205  -18.169 -2.701  1.00 34.44 ? 57  HOH A O     1 
HETATM 536 O  O     . HOH E 4 .  ? 4.786   -13.813 -1.118  1.00 21.77 ? 61  HOH A O     1 
HETATM 537 O  O     . HOH E 4 .  ? -4.701  8.668   16.698  1.00 25.32 ? 62  HOH A O     1 
HETATM 538 O  O     . HOH E 4 .  ? -5.872  -5.386  -14.496 1.00 28.38 ? 65  HOH A O     1 
HETATM 539 O  O     . HOH E 4 .  ? 0.757   -15.605 -2.793  1.00 29.06 ? 66  HOH A O     1 
HETATM 540 O  O     . HOH E 4 .  ? -8.806  -10.260 1.017   1.00 38.31 ? 69  HOH A O     1 
HETATM 541 O  O     . HOH E 4 .  ? 0.562   6.066   14.708  1.00 39.74 ? 71  HOH A O     1 
HETATM 542 O  O     . HOH E 4 .  ? 1.335   6.407   9.780   1.00 44.12 ? 74  HOH A O     1 
HETATM 543 O  O     . HOH E 4 .  ? -6.833  9.728   14.807  1.00 41.24 ? 75  HOH A O     1 
HETATM 544 O  O     . HOH E 4 .  ? 1.230   -10.513 6.791   1.00 29.34 ? 78  HOH A O     1 
HETATM 545 O  O     . HOH E 4 .  ? 3.494   -6.986  6.523   1.00 22.26 ? 79  HOH A O     1 
HETATM 546 O  O     . HOH E 4 .  ? -10.020 -2.370  -6.660  1.00 23.73 ? 80  HOH A O     1 
HETATM 547 O  O     . HOH E 4 .  ? -13.773 -4.741  -6.835  1.00 38.30 ? 81  HOH A O     1 
HETATM 548 O  O     . HOH E 4 .  ? 3.331   -2.504  7.118   1.00 23.74 ? 82  HOH A O     1 
HETATM 549 O  O     . HOH E 4 .  ? 1.570   -19.454 -2.684  1.00 27.35 ? 86  HOH A O     1 
HETATM 550 O  O     . HOH E 4 .  ? -1.124  -10.647 -3.729  1.00 33.04 ? 88  HOH A O     1 
HETATM 551 O  O     . HOH E 4 .  ? -3.431  -13.387 5.036   1.00 40.50 ? 91  HOH A O     1 
HETATM 552 O  O     . HOH E 4 .  ? 2.307   -7.142  8.715   1.00 36.15 ? 92  HOH A O     1 
HETATM 553 O  O     . HOH E 4 .  ? -2.405  -18.806 -0.790  1.00 39.14 ? 93  HOH A O     1 
HETATM 554 O  O     . HOH E 4 .  ? 4.974   -10.285 -2.496  1.00 41.94 ? 96  HOH A O     1 
HETATM 555 O  O     . HOH E 4 .  ? -9.431  -6.317  -18.129 1.00 26.49 ? 97  HOH A O     1 
HETATM 556 O  O     . HOH E 4 .  ? -1.832  -14.064 -3.961  1.00 43.15 ? 99  HOH A O     1 
HETATM 557 O  O     . HOH E 4 .  ? 4.982   -13.932 -5.424  1.00 55.19 ? 100 HOH A O     1 
HETATM 558 O  O     . HOH E 4 .  ? -6.102  -16.291 -4.370  1.00 46.18 ? 102 HOH A O     1 
HETATM 559 O  O     . HOH E 4 .  ? -10.972 -18.411 -1.090  1.00 42.81 ? 104 HOH A O     1 
HETATM 560 O  O     . HOH E 4 .  ? -16.911 -1.827  -13.931 1.00 43.20 ? 105 HOH A O     1 
HETATM 561 O  O     . HOH E 4 .  ? 8.220   -2.854  1.531   1.00 42.63 ? 106 HOH A O     1 
HETATM 562 O  O     . HOH E 4 .  ? -17.930 -12.326 -2.919  1.00 36.78 ? 107 HOH A O     1 
HETATM 563 O  O     . HOH E 4 .  ? -11.724 -2.115  -2.844  1.00 57.86 ? 108 HOH A O     1 
HETATM 564 O  O     . HOH E 4 .  ? -2.084  -7.038  8.251   1.00 37.97 ? 110 HOH A O     1 
HETATM 565 O  O     . HOH E 4 .  ? 5.567   -4.580  -1.369  1.00 47.96 ? 111 HOH A O     1 
HETATM 566 O  O     . HOH E 4 .  ? -15.142 -10.463 -2.360  1.00 37.16 ? 113 HOH A O     1 
HETATM 567 O  O     . HOH E 4 .  ? -0.193  9.352   9.537   1.00 58.76 ? 114 HOH A O     1 
HETATM 568 O  O     . HOH E 4 .  ? -10.696 -8.048  -2.347  1.00 42.63 ? 117 HOH A O     1 
HETATM 569 O  O     . HOH E 4 .  ? -11.959 -11.430 -0.286  1.00 63.76 ? 122 HOH A O     1 
HETATM 570 O  O     . HOH E 4 .  ? -13.350 -8.802  -3.578  1.00 45.19 ? 126 HOH A O     1 
HETATM 571 O  O     . HOH E 4 .  ? -3.612  -11.174 6.369   1.00 34.00 ? 127 HOH A O     1 
HETATM 572 O  O     . HOH E 4 .  ? -6.545  5.698   7.859   1.00 66.08 ? 129 HOH A O     1 
HETATM 573 O  O     . HOH E 4 .  ? 2.397   2.594   9.363   1.00 30.53 ? 130 HOH A O     1 
HETATM 574 O  O     . HOH E 4 .  ? -20.160 -6.388  -11.137 1.00 39.77 ? 131 HOH A O     1 
HETATM 575 O  O     . HOH E 4 .  ? 1.396   7.285   12.779  1.00 38.16 ? 133 HOH A O     1 
HETATM 576 O  O     . HOH E 4 .  ? -17.544 -2.930  -11.861 1.00 52.22 ? 135 HOH A O     1 
HETATM 577 O  O     . HOH E 4 .  ? 5.227   -2.286  -1.607  1.00 40.05 ? 137 HOH A O     1 
HETATM 578 O  O     . HOH E 4 .  ? -7.966  -12.845 2.973   1.00 52.11 ? 145 HOH A O     1 
HETATM 579 O  O     . HOH E 4 .  ? -18.168 -6.236  -8.042  1.00 47.25 ? 147 HOH A O     1 
HETATM 580 O  O     . HOH E 4 .  ? 9.411   -4.553  3.265   1.00 41.66 ? 149 HOH A O     1 
HETATM 581 O  O     . HOH E 4 .  ? 7.386   -1.859  4.838   1.00 45.96 ? 152 HOH A O     1 
HETATM 582 O  O     . HOH E 4 .  ? -21.312 -12.504 -5.805  1.00 49.18 ? 154 HOH A O     1 
HETATM 583 O  O     . HOH E 4 .  ? -11.075 -0.950  -4.856  1.00 61.08 ? 157 HOH A O     1 
HETATM 584 O  O     . HOH E 4 .  ? 1.928   -0.898  11.361  1.00 44.43 ? 158 HOH A O     1 
HETATM 585 O  O     . HOH E 4 .  ? -13.959 4.826   18.028  1.00 43.02 ? 160 HOH A O     1 
HETATM 586 O  O     . HOH E 4 .  ? 6.168   -0.013  0.242   1.00 53.65 ? 163 HOH A O     1 
HETATM 587 O  O     . HOH E 4 .  ? 6.701   -8.746  -0.687  1.00 44.09 ? 166 HOH A O     1 
HETATM 588 O  O     . HOH E 4 .  ? -14.394 -17.407 -2.916  1.00 46.68 ? 167 HOH A O     1 
HETATM 589 O  O     . HOH E 4 .  ? 2.769   4.818   8.945   1.00 45.70 ? 170 HOH A O     1 
HETATM 590 O  O     . HOH E 4 .  ? 9.044   -5.333  -0.082  1.00 63.63 ? 172 HOH A O     1 
HETATM 591 O  O     . HOH E 4 .  ? 2.622   3.432   1.429   1.00 52.96 ? 173 HOH A O     1 
HETATM 592 O  O     . HOH E 4 .  ? -19.509 -1.234  -10.236 1.00 65.13 ? 175 HOH A O     1 
HETATM 593 O  O     . HOH E 4 .  ? -2.156  7.967   17.468  1.00 40.16 ? 178 HOH A O     1 
HETATM 594 O  O     . HOH E 4 .  ? -13.342 7.306   18.386  1.00 46.56 ? 180 HOH A O     1 
HETATM 595 O  O     . HOH E 4 .  ? 2.340   3.054   12.862  1.00 43.24 ? 181 HOH A O     1 
HETATM 596 O  O     . HOH E 4 .  ? 10.967  -6.615  -0.795  1.00 44.94 ? 182 HOH A O     1 
HETATM 597 O  O     . HOH E 4 .  ? 7.587   -8.992  -2.790  1.00 45.55 ? 184 HOH A O     1 
HETATM 598 O  O     . HOH E 4 .  ? -14.861 -20.032 -2.913  1.00 49.47 ? 185 HOH A O     1 
HETATM 599 O  O     . HOH E 4 .  ? -0.373  -9.844  8.365   1.00 42.57 ? 189 HOH A O     1 
HETATM 600 O  O     . HOH E 4 .  ? -12.118 7.927   12.095  1.00 60.23 ? 190 HOH A O     1 
HETATM 601 O  O     . HOH E 4 .  ? -13.265 5.996   9.162   1.00 52.18 ? 191 HOH A O     1 
HETATM 602 O  O     . HOH E 4 .  ? 9.284   -11.423 -3.459  1.00 53.93 ? 192 HOH A O     1 
HETATM 603 O  O     . HOH E 4 .  ? 6.925   2.134   1.425   1.00 58.98 ? 196 HOH A O     1 
HETATM 604 O  O     . HOH E 4 .  ? 4.064   1.419   -1.357  1.00 57.03 ? 197 HOH A O     1 
HETATM 605 O  O     . HOH E 4 .  ? -16.318 -17.103 -1.286  1.00 57.32 ? 198 HOH A O     1 
HETATM 606 O  O     . HOH E 4 .  ? -12.201 -21.137 -3.472  1.00 50.38 ? 199 HOH A O     1 
HETATM 607 O  O     . HOH E 4 .  ? -21.338 -5.912  -9.225  1.00 50.00 ? 206 HOH A O     1 
HETATM 608 O  O     . HOH E 4 .  ? 10.420  -1.867  -0.769  1.00 63.75 ? 207 HOH A O     1 
HETATM 609 O  O     . HOH E 4 .  ? 2.278   -15.690 -4.514  1.00 56.55 ? 211 HOH A O     1 
HETATM 610 O  O     . HOH E 4 .  ? -7.110  -20.132 1.330   1.00 59.52 ? 213 HOH A O     1 
HETATM 611 O  O     . HOH E 4 .  ? -11.096 8.324   9.692   1.00 66.11 ? 216 HOH A O     1 
HETATM 612 O  O     . HOH E 4 .  ? 0.651   5.160   0.393   1.00 52.93 ? 218 HOH A O     1 
HETATM 613 O  O     . HOH E 4 .  ? 5.708   5.284   3.376   1.00 59.75 ? 222 HOH A O     1 
HETATM 614 O  O     . HOH E 4 .  ? -7.696  -13.604 5.121   1.00 48.32 ? 232 HOH A O     1 
HETATM 615 O  O     . HOH E 4 .  ? -10.850 10.106  13.044  1.00 69.33 ? 233 HOH A O     1 
HETATM 616 O  O     . HOH E 4 .  ? -8.233  11.111  9.744   1.00 57.86 ? 235 HOH A O     1 
HETATM 617 O  O     . HOH E 4 .  ? 4.169   1.222   -3.640  1.00 48.81 ? 236 HOH A O     1 
HETATM 618 O  O     . HOH E 4 .  ? -7.920  -9.499  3.857   1.00 71.49 ? 237 HOH A O     1 
HETATM 619 O  O     . HOH E 4 .  ? 4.032   -15.157 5.154   1.00 17.65 ? 240 HOH A O     1 
HETATM 620 O  O     . HOH E 4 .  ? 1.794   -15.336 3.140   1.00 23.02 ? 241 HOH A O     1 
HETATM 621 O  O     . HOH E 4 .  ? 3.050   -14.566 0.941   1.00 17.08 ? 242 HOH A O     1 
HETATM 622 O  O     . HOH E 4 .  ? 5.312   -13.917 2.638   1.00 18.49 ? 243 HOH A O     1 
HETATM 623 O  O     . HOH E 4 .  ? 2.700   -12.797 3.373   1.00 16.85 ? 244 HOH A O     1 
HETATM 624 O  O     . HOH E 4 .  ? 4.244   -16.862 2.807   1.00 13.79 ? 245 HOH A O     1 
HETATM 625 O  O     . HOH F 4 .  ? -7.393  -3.213  -7.206  1.00 20.30 ? 30  HOH B O     1 
HETATM 626 O  O     . HOH F 4 .  ? -4.014  -4.362  -10.788 1.00 16.23 ? 35  HOH B O     1 
HETATM 627 O  O     . HOH F 4 .  ? 0.323   -5.821  -11.571 1.00 31.23 ? 38  HOH B O     1 
HETATM 628 O  O     . HOH F 4 .  ? -3.192  -7.488  -14.364 1.00 24.16 ? 42  HOH B O     1 
HETATM 629 O  O     . HOH F 4 .  ? 2.391   -1.516  14.538  1.00 33.18 ? 44  HOH B O     1 
HETATM 630 O  O     . HOH F 4 .  ? -6.169  1.877   6.498   1.00 29.34 ? 45  HOH B O     1 
HETATM 631 O  O     . HOH F 4 .  ? -9.181  0.244   -1.764  1.00 27.42 ? 48  HOH B O     1 
HETATM 632 O  O     . HOH F 4 .  ? 2.856   1.224   22.541  1.00 27.59 ? 49  HOH B O     1 
HETATM 633 O  O     . HOH F 4 .  ? 1.735   -6.230  15.402  1.00 35.42 ? 53  HOH B O     1 
HETATM 634 O  O     . HOH F 4 .  ? 6.101   -6.871  -9.921  1.00 47.05 ? 55  HOH B O     1 
HETATM 635 O  O     . HOH F 4 .  ? -6.838  4.296   -4.177  1.00 34.42 ? 58  HOH B O     1 
HETATM 636 O  O     . HOH F 4 .  ? -3.091  -2.392  -9.021  1.00 36.51 ? 59  HOH B O     1 
HETATM 637 O  O     . HOH F 4 .  ? -8.260  -6.714  7.586   1.00 33.92 ? 60  HOH B O     1 
HETATM 638 O  O     . HOH F 4 .  ? -12.503 -5.048  6.174   1.00 41.88 ? 63  HOH B O     1 
HETATM 639 O  O     . HOH F 4 .  ? 6.926   -4.781  20.267  1.00 37.45 ? 64  HOH B O     1 
HETATM 640 O  O     . HOH F 4 .  ? -9.959  -5.827  -3.905  1.00 29.99 ? 67  HOH B O     1 
HETATM 641 O  O     . HOH F 4 .  ? -1.824  4.765   -1.523  1.00 38.80 ? 68  HOH B O     1 
HETATM 642 O  O     . HOH F 4 .  ? 3.846   -12.129 -10.965 1.00 53.07 ? 70  HOH B O     1 
HETATM 643 O  O     . HOH F 4 .  ? -3.045  5.175   1.201   1.00 31.56 ? 72  HOH B O     1 
HETATM 644 O  O     . HOH F 4 .  ? -14.056 -5.232  13.602  1.00 48.97 ? 73  HOH B O     1 
HETATM 645 O  O     . HOH F 4 .  ? 1.683   2.010   15.002  1.00 55.00 ? 76  HOH B O     1 
HETATM 646 O  O     . HOH F 4 .  ? -9.966  -7.343  0.579   1.00 48.70 ? 77  HOH B O     1 
HETATM 647 O  O     . HOH F 4 .  ? -2.814  -12.563 -8.331  1.00 27.28 ? 83  HOH B O     1 
HETATM 648 O  O     . HOH F 4 .  ? -8.723  2.211   9.996   1.00 40.87 ? 84  HOH B O     1 
HETATM 649 O  O     . HOH F 4 .  ? -11.963 -1.253  3.084   1.00 39.64 ? 85  HOH B O     1 
HETATM 650 O  O     . HOH F 4 .  ? -1.767  -5.389  10.286  1.00 37.49 ? 87  HOH B O     1 
HETATM 651 O  O     . HOH F 4 .  ? -8.454  1.441   -3.873  1.00 48.23 ? 89  HOH B O     1 
HETATM 652 O  O     . HOH F 4 .  ? 7.625   -2.282  19.528  1.00 48.65 ? 90  HOH B O     1 
HETATM 653 O  O     . HOH F 4 .  ? 2.982   -0.472  -5.306  1.00 37.85 ? 94  HOH B O     1 
HETATM 654 O  O     . HOH F 4 .  ? -3.437  -8.464  14.139  1.00 37.30 ? 95  HOH B O     1 
HETATM 655 O  O     . HOH F 4 .  ? -9.025  -7.205  4.557   1.00 44.40 ? 98  HOH B O     1 
HETATM 656 O  O     . HOH F 4 .  ? -7.579  -9.263  -18.183 1.00 40.01 ? 101 HOH B O     1 
HETATM 657 O  O     . HOH F 4 .  ? -3.899  -12.775 -16.296 1.00 35.11 ? 103 HOH B O     1 
HETATM 658 O  O     . HOH F 4 .  ? 4.617   -9.789  -10.945 1.00 35.29 ? 109 HOH B O     1 
HETATM 659 O  O     . HOH F 4 .  ? -5.275  6.880   0.323   1.00 47.54 ? 112 HOH B O     1 
HETATM 660 O  O     . HOH F 4 .  ? -13.330 -6.502  16.040  1.00 45.33 ? 115 HOH B O     1 
HETATM 661 O  O     . HOH F 4 .  ? -10.511 5.640   2.381   1.00 34.13 ? 116 HOH B O     1 
HETATM 662 O  O     . HOH F 4 .  ? -2.234  -10.742 19.869  1.00 56.17 ? 118 HOH B O     1 
HETATM 663 O  O     . HOH F 4 .  ? 0.550   -8.530  15.821  1.00 46.38 ? 119 HOH B O     1 
HETATM 664 O  O     . HOH F 4 .  ? -10.141 -5.198  4.470   1.00 36.47 ? 120 HOH B O     1 
HETATM 665 O  O     . HOH F 4 .  ? -5.134  5.707   -2.313  1.00 32.16 ? 121 HOH B O     1 
HETATM 666 O  O     . HOH F 4 .  ? -1.009  -10.375 -6.263  1.00 33.80 ? 123 HOH B O     1 
HETATM 667 O  O     . HOH F 4 .  ? 0.390   -12.481 -6.663  1.00 61.85 ? 124 HOH B O     1 
HETATM 668 O  O     . HOH F 4 .  ? -5.135  -9.756  -17.148 1.00 42.65 ? 125 HOH B O     1 
HETATM 669 O  O     . HOH F 4 .  ? 0.698   -8.967  20.611  1.00 49.02 ? 128 HOH B O     1 
HETATM 670 O  O     . HOH F 4 .  ? -12.150 0.056   -0.626  1.00 43.63 ? 132 HOH B O     1 
HETATM 671 O  O     . HOH F 4 .  ? -1.034  -7.963  12.134  1.00 43.68 ? 134 HOH B O     1 
HETATM 672 O  O     . HOH F 4 .  ? -1.266  -8.771  -18.606 1.00 46.15 ? 136 HOH B O     1 
HETATM 673 O  O     . HOH F 4 .  ? -11.534 -7.910  16.291  1.00 40.35 ? 138 HOH B O     1 
HETATM 674 O  O     . HOH F 4 .  ? -2.744  -21.451 -15.260 1.00 47.33 ? 139 HOH B O     1 
HETATM 675 O  O     . HOH F 4 .  ? -15.746 3.435   5.965   1.00 50.35 ? 140 HOH B O     1 
HETATM 676 O  O     . HOH F 4 .  ? 3.481   0.137   -9.185  1.00 64.57 ? 141 HOH B O     1 
HETATM 677 O  O     . HOH F 4 .  ? -16.698 -6.029  16.015  1.00 45.18 ? 142 HOH B O     1 
HETATM 678 O  O     . HOH F 4 .  ? -0.489  -6.716  -13.592 1.00 47.34 ? 143 HOH B O     1 
HETATM 679 O  O     . HOH F 4 .  ? 0.636   -16.381 -15.620 1.00 50.27 ? 144 HOH B O     1 
HETATM 680 O  O     . HOH F 4 .  ? 1.664   -9.414  -14.449 1.00 59.88 ? 146 HOH B O     1 
HETATM 681 O  O     . HOH F 4 .  ? -8.198  6.477   3.732   1.00 49.03 ? 148 HOH B O     1 
HETATM 682 O  O     . HOH F 4 .  ? 2.001   -12.598 -15.920 1.00 39.99 ? 150 HOH B O     1 
HETATM 683 O  O     . HOH F 4 .  ? -9.153  6.653   -1.504  1.00 58.43 ? 151 HOH B O     1 
HETATM 684 O  O     . HOH F 4 .  ? 4.505   -11.389 -7.730  1.00 56.41 ? 153 HOH B O     1 
HETATM 685 O  O     . HOH F 4 .  ? -7.497  -8.598  10.512  1.00 45.72 ? 155 HOH B O     1 
HETATM 686 O  O     . HOH F 4 .  ? 2.952   -15.582 -12.180 1.00 43.27 ? 156 HOH B O     1 
HETATM 687 O  O     . HOH F 4 .  ? -2.252  -10.814 14.845  1.00 49.21 ? 159 HOH B O     1 
HETATM 688 O  O     . HOH F 4 .  ? 5.664   -1.090  17.023  1.00 55.24 ? 161 HOH B O     1 
HETATM 689 O  O     . HOH F 4 .  ? -14.180 1.243   -2.567  1.00 40.48 ? 162 HOH B O     1 
HETATM 690 O  O     . HOH F 4 .  ? -1.298  -22.825 -17.248 1.00 57.03 ? 164 HOH B O     1 
HETATM 691 O  O     . HOH F 4 .  ? -11.099 6.233   4.662   1.00 58.48 ? 165 HOH B O     1 
HETATM 692 O  O     . HOH F 4 .  ? 4.135   2.427   25.187  1.00 44.91 ? 168 HOH B O     1 
HETATM 693 O  O     . HOH F 4 .  ? -15.406 -4.247  -3.367  1.00 49.59 ? 169 HOH B O     1 
HETATM 694 O  O     . HOH F 4 .  ? -16.035 -8.948  15.401  1.00 58.89 ? 171 HOH B O     1 
HETATM 695 O  O     . HOH F 4 .  ? 4.963   -3.928  15.576  1.00 57.70 ? 174 HOH B O     1 
HETATM 696 O  O     . HOH F 4 .  ? -7.209  -9.131  -20.732 1.00 55.28 ? 176 HOH B O     1 
HETATM 697 O  O     . HOH F 4 .  ? -3.467  -13.002 16.080  1.00 45.14 ? 177 HOH B O     1 
HETATM 698 O  O     . HOH F 4 .  ? 0.303   -11.141 16.777  1.00 53.30 ? 179 HOH B O     1 
HETATM 699 O  O     . HOH F 4 .  ? -15.618 0.704   2.675   1.00 63.83 ? 183 HOH B O     1 
HETATM 700 O  O     . HOH F 4 .  ? 3.966   -6.008  -5.565  1.00 43.77 ? 186 HOH B O     1 
HETATM 701 O  O     . HOH F 4 .  ? -15.800 -3.580  16.082  1.00 44.16 ? 187 HOH B O     1 
HETATM 702 O  O     . HOH F 4 .  ? -2.597  5.631   -5.437  1.00 51.22 ? 188 HOH B O     1 
HETATM 703 O  O     . HOH F 4 .  ? 1.651   -4.299  12.654  1.00 57.06 ? 193 HOH B O     1 
HETATM 704 O  O     . HOH F 4 .  ? 7.463   0.052   23.871  1.00 53.05 ? 194 HOH B O     1 
HETATM 705 O  O     . HOH F 4 .  ? -5.311  -8.588  12.666  1.00 65.08 ? 195 HOH B O     1 
HETATM 706 O  O     . HOH F 4 .  ? -14.845 -1.289  -3.969  1.00 56.64 ? 200 HOH B O     1 
HETATM 707 O  O     . HOH F 4 .  ? 4.368   -6.701  -2.832  1.00 37.76 ? 201 HOH B O     1 
HETATM 708 O  O     . HOH F 4 .  ? -3.475  -9.679  9.996   1.00 55.01 ? 202 HOH B O     1 
HETATM 709 O  O     . HOH F 4 .  ? -15.389 -1.874  0.374   1.00 43.74 ? 203 HOH B O     1 
HETATM 710 O  O     . HOH F 4 .  ? -12.458 -9.919  17.470  1.00 64.23 ? 204 HOH B O     1 
HETATM 711 O  O     . HOH F 4 .  ? -16.588 2.712   3.463   1.00 57.92 ? 205 HOH B O     1 
HETATM 712 O  O     . HOH F 4 .  ? -7.862  8.310   -0.502  1.00 52.44 ? 208 HOH B O     1 
HETATM 713 O  O     . HOH F 4 .  ? 1.423   -17.812 -13.889 1.00 50.66 ? 209 HOH B O     1 
HETATM 714 O  O     . HOH F 4 .  ? 5.968   -13.574 -11.515 1.00 66.79 ? 210 HOH B O     1 
HETATM 715 O  O     . HOH F 4 .  ? -0.460  -17.958 -17.561 1.00 64.00 ? 212 HOH B O     1 
HETATM 716 O  O     . HOH F 4 .  ? -12.818 7.788   6.102   1.00 44.90 ? 214 HOH B O     1 
HETATM 717 O  O     . HOH F 4 .  ? -4.306  -6.867  9.784   1.00 57.76 ? 215 HOH B O     1 
HETATM 718 O  O     . HOH F 4 .  ? -16.204 -3.518  2.559   1.00 63.17 ? 217 HOH B O     1 
HETATM 719 O  O     . HOH F 4 .  ? -13.498 -3.669  -1.374  1.00 51.29 ? 219 HOH B O     1 
HETATM 720 O  O     . HOH F 4 .  ? -18.244 -3.294  -2.520  1.00 52.99 ? 220 HOH B O     1 
HETATM 721 O  O     . HOH F 4 .  ? 6.867   2.398   25.380  1.00 52.28 ? 221 HOH B O     1 
HETATM 722 O  O     . HOH F 4 .  ? -12.715 10.281  5.710   1.00 59.01 ? 223 HOH B O     1 
HETATM 723 O  O     . HOH F 4 .  ? 5.387   -5.972  16.537  1.00 58.61 ? 224 HOH B O     1 
HETATM 724 O  O     . HOH F 4 .  ? -2.650  -8.766  -16.684 1.00 47.75 ? 225 HOH B O     1 
HETATM 725 O  O     . HOH F 4 .  ? -3.109  -6.173  -18.805 1.00 61.86 ? 226 HOH B O     1 
HETATM 726 O  O     . HOH F 4 .  ? 5.280   0.917   18.196  1.00 59.93 ? 227 HOH B O     1 
HETATM 727 O  O     . HOH F 4 .  ? -12.449 -9.178  13.858  1.00 86.70 ? 228 HOH B O     1 
HETATM 728 O  O     . HOH F 4 .  ? 4.217   0.782   15.683  1.00 62.79 ? 229 HOH B O     1 
HETATM 729 O  O     . HOH F 4 .  ? -1.378  -20.176 -16.705 1.00 61.81 ? 230 HOH B O     1 
HETATM 730 O  O     . HOH F 4 .  ? 6.842   -15.722 -12.003 1.00 65.18 ? 231 HOH B O     1 
HETATM 731 O  O     . HOH F 4 .  ? 1.775   -20.837 -15.678 1.00 58.02 ? 234 HOH B O     1 
HETATM 732 O  O     . HOH F 4 .  ? -17.537 -1.704  -0.915  1.00 59.70 ? 238 HOH B O     1 
HETATM 733 O  O     . HOH F 4 .  ? -16.019 0.857   -1.167  1.00 52.04 ? 239 HOH B O     1 
# 
loop_
_pdbx_poly_seq_scheme.asym_id 
_pdbx_poly_seq_scheme.entity_id 
_pdbx_poly_seq_scheme.seq_id 
_pdbx_poly_seq_scheme.mon_id 
_pdbx_poly_seq_scheme.ndb_seq_num 
_pdbx_poly_seq_scheme.pdb_seq_num 
_pdbx_poly_seq_scheme.auth_seq_num 
_pdbx_poly_seq_scheme.pdb_mon_id 
_pdbx_poly_seq_scheme.auth_mon_id 
_pdbx_poly_seq_scheme.pdb_strand_id 
_pdbx_poly_seq_scheme.pdb_ins_code 
_pdbx_poly_seq_scheme.hetero 
A 1 1  DC 1  1  1  DC C A . n 
A 1 2  DG 2  2  2  DG G A . n 
A 1 3  DC 3  3  3  DC C A . n 
A 1 4  DG 4  4  4  DG G A . n 
A 1 5  DA 5  5  5  DA A A . n 
A 1 6  DA 6  6  6  DA A A . n 
A 1 7  DT 7  7  7  DT T A . n 
A 1 8  DT 8  8  8  DT T A . n 
A 1 9  DC 9  9  9  DC C A . n 
A 1 10 DG 10 10 10 DG G A . n 
A 1 11 DC 11 11 11 DC C A . n 
A 1 12 DG 12 12 12 DG G A . n 
B 1 1  DC 1  13 13 DC C B . n 
B 1 2  DG 2  14 14 DG G B . n 
B 1 3  DC 3  15 15 DC C B . n 
B 1 4  DG 4  16 16 DG G B . n 
B 1 5  DA 5  17 17 DA A B . n 
B 1 6  DA 6  18 18 DA A B . n 
B 1 7  DT 7  19 19 DT T B . n 
B 1 8  DT 8  20 20 DT T B . n 
B 1 9  DC 9  21 21 DC C B . n 
B 1 10 DG 10 22 22 DG G B . n 
B 1 11 DC 11 23 23 DC C B . n 
B 1 12 DG 12 24 24 DG G B . n 
# 
loop_
_pdbx_nonpoly_scheme.asym_id 
_pdbx_nonpoly_scheme.entity_id 
_pdbx_nonpoly_scheme.mon_id 
_pdbx_nonpoly_scheme.ndb_seq_num 
_pdbx_nonpoly_scheme.pdb_seq_num 
_pdbx_nonpoly_scheme.auth_seq_num 
_pdbx_nonpoly_scheme.pdb_mon_id 
_pdbx_nonpoly_scheme.auth_mon_id 
_pdbx_nonpoly_scheme.pdb_strand_id 
_pdbx_nonpoly_scheme.pdb_ins_code 
C 2 MG  1   26  26  MG  MO6 A . 
D 3 BPF 1   25  25  BPF DAG B . 
E 4 HOH 1   27  27  HOH HOH A . 
E 4 HOH 2   28  28  HOH HOH A . 
E 4 HOH 3   29  29  HOH HOH A . 
E 4 HOH 4   31  31  HOH HOH A . 
E 4 HOH 5   32  32  HOH HOH A . 
E 4 HOH 6   33  33  HOH HOH A . 
E 4 HOH 7   34  34  HOH HOH A . 
E 4 HOH 8   36  36  HOH HOH A . 
E 4 HOH 9   37  37  HOH HOH A . 
E 4 HOH 10  39  39  HOH HOH A . 
E 4 HOH 11  40  40  HOH HOH A . 
E 4 HOH 12  41  41  HOH HOH A . 
E 4 HOH 13  43  43  HOH HOH A . 
E 4 HOH 14  46  46  HOH HOH A . 
E 4 HOH 15  47  47  HOH HOH A . 
E 4 HOH 16  50  50  HOH HOH A . 
E 4 HOH 17  51  51  HOH HOH A . 
E 4 HOH 18  52  52  HOH HOH A . 
E 4 HOH 19  54  54  HOH HOH A . 
E 4 HOH 20  56  56  HOH HOH A . 
E 4 HOH 21  57  57  HOH HOH A . 
E 4 HOH 22  61  61  HOH HOH A . 
E 4 HOH 23  62  62  HOH HOH A . 
E 4 HOH 24  65  65  HOH HOH A . 
E 4 HOH 25  66  66  HOH HOH A . 
E 4 HOH 26  69  69  HOH HOH A . 
E 4 HOH 27  71  71  HOH HOH A . 
E 4 HOH 28  74  74  HOH HOH A . 
E 4 HOH 29  75  75  HOH HOH A . 
E 4 HOH 30  78  78  HOH HOH A . 
E 4 HOH 31  79  79  HOH HOH A . 
E 4 HOH 32  80  80  HOH HOH A . 
E 4 HOH 33  81  81  HOH HOH A . 
E 4 HOH 34  82  82  HOH HOH A . 
E 4 HOH 35  86  86  HOH HOH A . 
E 4 HOH 36  88  88  HOH HOH A . 
E 4 HOH 37  91  91  HOH HOH A . 
E 4 HOH 38  92  92  HOH HOH A . 
E 4 HOH 39  93  93  HOH HOH A . 
E 4 HOH 40  96  96  HOH HOH A . 
E 4 HOH 41  97  97  HOH HOH A . 
E 4 HOH 42  99  99  HOH HOH A . 
E 4 HOH 43  100 100 HOH HOH A . 
E 4 HOH 44  102 102 HOH HOH A . 
E 4 HOH 45  104 104 HOH HOH A . 
E 4 HOH 46  105 105 HOH HOH A . 
E 4 HOH 47  106 106 HOH HOH A . 
E 4 HOH 48  107 107 HOH HOH A . 
E 4 HOH 49  108 108 HOH HOH A . 
E 4 HOH 50  110 110 HOH HOH A . 
E 4 HOH 51  111 111 HOH HOH A . 
E 4 HOH 52  113 113 HOH HOH A . 
E 4 HOH 53  114 114 HOH HOH A . 
E 4 HOH 54  117 117 HOH HOH A . 
E 4 HOH 55  122 122 HOH HOH A . 
E 4 HOH 56  126 126 HOH HOH A . 
E 4 HOH 57  127 127 HOH HOH A . 
E 4 HOH 58  129 129 HOH HOH A . 
E 4 HOH 59  130 130 HOH HOH A . 
E 4 HOH 60  131 131 HOH HOH A . 
E 4 HOH 61  133 133 HOH HOH A . 
E 4 HOH 62  135 135 HOH HOH A . 
E 4 HOH 63  137 137 HOH HOH A . 
E 4 HOH 64  145 145 HOH HOH A . 
E 4 HOH 65  147 147 HOH HOH A . 
E 4 HOH 66  149 149 HOH HOH A . 
E 4 HOH 67  152 152 HOH HOH A . 
E 4 HOH 68  154 154 HOH HOH A . 
E 4 HOH 69  157 157 HOH HOH A . 
E 4 HOH 70  158 158 HOH HOH A . 
E 4 HOH 71  160 160 HOH HOH A . 
E 4 HOH 72  163 163 HOH HOH A . 
E 4 HOH 73  166 166 HOH HOH A . 
E 4 HOH 74  167 167 HOH HOH A . 
E 4 HOH 75  170 170 HOH HOH A . 
E 4 HOH 76  172 172 HOH HOH A . 
E 4 HOH 77  173 173 HOH HOH A . 
E 4 HOH 78  175 175 HOH HOH A . 
E 4 HOH 79  178 178 HOH HOH A . 
E 4 HOH 80  180 180 HOH HOH A . 
E 4 HOH 81  181 181 HOH HOH A . 
E 4 HOH 82  182 182 HOH HOH A . 
E 4 HOH 83  184 184 HOH HOH A . 
E 4 HOH 84  185 185 HOH HOH A . 
E 4 HOH 85  189 189 HOH HOH A . 
E 4 HOH 86  190 190 HOH HOH A . 
E 4 HOH 87  191 191 HOH HOH A . 
E 4 HOH 88  192 192 HOH HOH A . 
E 4 HOH 89  196 196 HOH HOH A . 
E 4 HOH 90  197 197 HOH HOH A . 
E 4 HOH 91  198 198 HOH HOH A . 
E 4 HOH 92  199 199 HOH HOH A . 
E 4 HOH 93  206 206 HOH HOH A . 
E 4 HOH 94  207 207 HOH HOH A . 
E 4 HOH 95  211 211 HOH HOH A . 
E 4 HOH 96  213 213 HOH HOH A . 
E 4 HOH 97  216 216 HOH HOH A . 
E 4 HOH 98  218 218 HOH HOH A . 
E 4 HOH 99  222 222 HOH HOH A . 
E 4 HOH 100 232 232 HOH HOH A . 
E 4 HOH 101 233 233 HOH HOH A . 
E 4 HOH 102 235 235 HOH HOH A . 
E 4 HOH 103 236 236 HOH HOH A . 
E 4 HOH 104 237 237 HOH HOH A . 
E 4 HOH 105 240 26  HOH MO6 A . 
E 4 HOH 106 241 26  HOH MO6 A . 
E 4 HOH 107 242 26  HOH MO6 A . 
E 4 HOH 108 243 26  HOH MO6 A . 
E 4 HOH 109 244 26  HOH MO6 A . 
E 4 HOH 110 245 26  HOH MO6 A . 
F 4 HOH 1   30  30  HOH HOH B . 
F 4 HOH 2   35  35  HOH HOH B . 
F 4 HOH 3   38  38  HOH HOH B . 
F 4 HOH 4   42  42  HOH HOH B . 
F 4 HOH 5   44  44  HOH HOH B . 
F 4 HOH 6   45  45  HOH HOH B . 
F 4 HOH 7   48  48  HOH HOH B . 
F 4 HOH 8   49  49  HOH HOH B . 
F 4 HOH 9   53  53  HOH HOH B . 
F 4 HOH 10  55  55  HOH HOH B . 
F 4 HOH 11  58  58  HOH HOH B . 
F 4 HOH 12  59  59  HOH HOH B . 
F 4 HOH 13  60  60  HOH HOH B . 
F 4 HOH 14  63  63  HOH HOH B . 
F 4 HOH 15  64  64  HOH HOH B . 
F 4 HOH 16  67  67  HOH HOH B . 
F 4 HOH 17  68  68  HOH HOH B . 
F 4 HOH 18  70  70  HOH HOH B . 
F 4 HOH 19  72  72  HOH HOH B . 
F 4 HOH 20  73  73  HOH HOH B . 
F 4 HOH 21  76  76  HOH HOH B . 
F 4 HOH 22  77  77  HOH HOH B . 
F 4 HOH 23  83  83  HOH HOH B . 
F 4 HOH 24  84  84  HOH HOH B . 
F 4 HOH 25  85  85  HOH HOH B . 
F 4 HOH 26  87  87  HOH HOH B . 
F 4 HOH 27  89  89  HOH HOH B . 
F 4 HOH 28  90  90  HOH HOH B . 
F 4 HOH 29  94  94  HOH HOH B . 
F 4 HOH 30  95  95  HOH HOH B . 
F 4 HOH 31  98  98  HOH HOH B . 
F 4 HOH 32  101 101 HOH HOH B . 
F 4 HOH 33  103 103 HOH HOH B . 
F 4 HOH 34  109 109 HOH HOH B . 
F 4 HOH 35  112 112 HOH HOH B . 
F 4 HOH 36  115 115 HOH HOH B . 
F 4 HOH 37  116 116 HOH HOH B . 
F 4 HOH 38  118 118 HOH HOH B . 
F 4 HOH 39  119 119 HOH HOH B . 
F 4 HOH 40  120 120 HOH HOH B . 
F 4 HOH 41  121 121 HOH HOH B . 
F 4 HOH 42  123 123 HOH HOH B . 
F 4 HOH 43  124 124 HOH HOH B . 
F 4 HOH 44  125 125 HOH HOH B . 
F 4 HOH 45  128 128 HOH HOH B . 
F 4 HOH 46  132 132 HOH HOH B . 
F 4 HOH 47  134 134 HOH HOH B . 
F 4 HOH 48  136 136 HOH HOH B . 
F 4 HOH 49  138 138 HOH HOH B . 
F 4 HOH 50  139 139 HOH HOH B . 
F 4 HOH 51  140 140 HOH HOH B . 
F 4 HOH 52  141 141 HOH HOH B . 
F 4 HOH 53  142 142 HOH HOH B . 
F 4 HOH 54  143 143 HOH HOH B . 
F 4 HOH 55  144 144 HOH HOH B . 
F 4 HOH 56  146 146 HOH HOH B . 
F 4 HOH 57  148 148 HOH HOH B . 
F 4 HOH 58  150 150 HOH HOH B . 
F 4 HOH 59  151 151 HOH HOH B . 
F 4 HOH 60  153 153 HOH HOH B . 
F 4 HOH 61  155 155 HOH HOH B . 
F 4 HOH 62  156 156 HOH HOH B . 
F 4 HOH 63  159 159 HOH HOH B . 
F 4 HOH 64  161 161 HOH HOH B . 
F 4 HOH 65  162 162 HOH HOH B . 
F 4 HOH 66  164 164 HOH HOH B . 
F 4 HOH 67  165 165 HOH HOH B . 
F 4 HOH 68  168 168 HOH HOH B . 
F 4 HOH 69  169 169 HOH HOH B . 
F 4 HOH 70  171 171 HOH HOH B . 
F 4 HOH 71  174 174 HOH HOH B . 
F 4 HOH 72  176 176 HOH HOH B . 
F 4 HOH 73  177 177 HOH HOH B . 
F 4 HOH 74  179 179 HOH HOH B . 
F 4 HOH 75  183 183 HOH HOH B . 
F 4 HOH 76  186 186 HOH HOH B . 
F 4 HOH 77  187 187 HOH HOH B . 
F 4 HOH 78  188 188 HOH HOH B . 
F 4 HOH 79  193 193 HOH HOH B . 
F 4 HOH 80  194 194 HOH HOH B . 
F 4 HOH 81  195 195 HOH HOH B . 
F 4 HOH 82  200 200 HOH HOH B . 
F 4 HOH 83  201 201 HOH HOH B . 
F 4 HOH 84  202 202 HOH HOH B . 
F 4 HOH 85  203 203 HOH HOH B . 
F 4 HOH 86  204 204 HOH HOH B . 
F 4 HOH 87  205 205 HOH HOH B . 
F 4 HOH 88  208 208 HOH HOH B . 
F 4 HOH 89  209 209 HOH HOH B . 
F 4 HOH 90  210 210 HOH HOH B . 
F 4 HOH 91  212 212 HOH HOH B . 
F 4 HOH 92  214 214 HOH HOH B . 
F 4 HOH 93  215 215 HOH HOH B . 
F 4 HOH 94  217 217 HOH HOH B . 
F 4 HOH 95  219 219 HOH HOH B . 
F 4 HOH 96  220 220 HOH HOH B . 
F 4 HOH 97  221 221 HOH HOH B . 
F 4 HOH 98  223 223 HOH HOH B . 
F 4 HOH 99  224 224 HOH HOH B . 
F 4 HOH 100 225 225 HOH HOH B . 
F 4 HOH 101 226 226 HOH HOH B . 
F 4 HOH 102 227 227 HOH HOH B . 
F 4 HOH 103 228 228 HOH HOH B . 
F 4 HOH 104 229 229 HOH HOH B . 
F 4 HOH 105 230 230 HOH HOH B . 
F 4 HOH 106 231 231 HOH HOH B . 
F 4 HOH 107 234 234 HOH HOH B . 
F 4 HOH 108 238 238 HOH HOH B . 
F 4 HOH 109 239 239 HOH HOH B . 
# 
_struct_site_keywords.site_id   'DRUG BINDING SITE' 
_struct_site_keywords.text      'MINOR GROOVE BINDER' 
# 
_pdbx_struct_assembly.id                   1 
_pdbx_struct_assembly.details              author_defined_assembly 
_pdbx_struct_assembly.method_details       ? 
_pdbx_struct_assembly.oligomeric_details   dimeric 
_pdbx_struct_assembly.oligomeric_count     2 
# 
_pdbx_struct_assembly_gen.assembly_id       1 
_pdbx_struct_assembly_gen.oper_expression   1 
_pdbx_struct_assembly_gen.asym_id_list      A,B,C,D,E,F 
# 
_pdbx_struct_oper_list.id                   1 
_pdbx_struct_oper_list.type                 'identity operation' 
_pdbx_struct_oper_list.name                 1_555 
_pdbx_struct_oper_list.symmetry_operation   x,y,z 
_pdbx_struct_oper_list.matrix[1][1]         1.0000000000 
_pdbx_struct_oper_list.matrix[1][2]         0.0000000000 
_pdbx_struct_oper_list.matrix[1][3]         0.0000000000 
_pdbx_struct_oper_list.vector[1]            0.0000000000 
_pdbx_struct_oper_list.matrix[2][1]         0.0000000000 
_pdbx_struct_oper_list.matrix[2][2]         1.0000000000 
_pdbx_struct_oper_list.matrix[2][3]         0.0000000000 
_pdbx_struct_oper_list.vector[2]            0.0000000000 
_pdbx_struct_oper_list.matrix[3][1]         0.0000000000 
_pdbx_struct_oper_list.matrix[3][2]         0.0000000000 
_pdbx_struct_oper_list.matrix[3][3]         1.0000000000 
_pdbx_struct_oper_list.vector[3]            0.0000000000 
# 
loop_
_pdbx_struct_conn_angle.id 
_pdbx_struct_conn_angle.ptnr1_label_atom_id 
_pdbx_struct_conn_angle.ptnr1_label_alt_id 
_pdbx_struct_conn_angle.ptnr1_label_asym_id 
_pdbx_struct_conn_angle.ptnr1_label_comp_id 
_pdbx_struct_conn_angle.ptnr1_label_seq_id 
_pdbx_struct_conn_angle.ptnr1_auth_atom_id 
_pdbx_struct_conn_angle.ptnr1_auth_asym_id 
_pdbx_struct_conn_angle.ptnr1_auth_comp_id 
_pdbx_struct_conn_angle.ptnr1_auth_seq_id 
_pdbx_struct_conn_angle.ptnr1_PDB_ins_code 
_pdbx_struct_conn_angle.ptnr1_symmetry 
_pdbx_struct_conn_angle.ptnr2_label_atom_id 
_pdbx_struct_conn_angle.ptnr2_label_alt_id 
_pdbx_struct_conn_angle.ptnr2_label_asym_id 
_pdbx_struct_conn_angle.ptnr2_label_comp_id 
_pdbx_struct_conn_angle.ptnr2_label_seq_id 
_pdbx_struct_conn_angle.ptnr2_auth_atom_id 
_pdbx_struct_conn_angle.ptnr2_auth_asym_id 
_pdbx_struct_conn_angle.ptnr2_auth_comp_id 
_pdbx_struct_conn_angle.ptnr2_auth_seq_id 
_pdbx_struct_conn_angle.ptnr2_PDB_ins_code 
_pdbx_struct_conn_angle.ptnr2_symmetry 
_pdbx_struct_conn_angle.ptnr3_label_atom_id 
_pdbx_struct_conn_angle.ptnr3_label_alt_id 
_pdbx_struct_conn_angle.ptnr3_label_asym_id 
_pdbx_struct_conn_angle.ptnr3_label_comp_id 
_pdbx_struct_conn_angle.ptnr3_label_seq_id 
_pdbx_struct_conn_angle.ptnr3_auth_atom_id 
_pdbx_struct_conn_angle.ptnr3_auth_asym_id 
_pdbx_struct_conn_angle.ptnr3_auth_comp_id 
_pdbx_struct_conn_angle.ptnr3_auth_seq_id 
_pdbx_struct_conn_angle.ptnr3_PDB_ins_code 
_pdbx_struct_conn_angle.ptnr3_symmetry 
_pdbx_struct_conn_angle.value 
_pdbx_struct_conn_angle.value_esd 
1  O ? E HOH . ? A HOH 240 ? 1_555 MG ? C MG . ? A MG 26 ? 1_555 O ? E HOH . ? A HOH 241 ? 1_555 90.1  ? 
2  O ? E HOH . ? A HOH 240 ? 1_555 MG ? C MG . ? A MG 26 ? 1_555 O ? E HOH . ? A HOH 242 ? 1_555 171.3 ? 
3  O ? E HOH . ? A HOH 241 ? 1_555 MG ? C MG . ? A MG 26 ? 1_555 O ? E HOH . ? A HOH 242 ? 1_555 82.3  ? 
4  O ? E HOH . ? A HOH 240 ? 1_555 MG ? C MG . ? A MG 26 ? 1_555 O ? E HOH . ? A HOH 243 ? 1_555 94.1  ? 
5  O ? E HOH . ? A HOH 241 ? 1_555 MG ? C MG . ? A MG 26 ? 1_555 O ? E HOH . ? A HOH 243 ? 1_555 172.5 ? 
6  O ? E HOH . ? A HOH 242 ? 1_555 MG ? C MG . ? A MG 26 ? 1_555 O ? E HOH . ? A HOH 243 ? 1_555 93.9  ? 
7  O ? E HOH . ? A HOH 240 ? 1_555 MG ? C MG . ? A MG 26 ? 1_555 O ? E HOH . ? A HOH 244 ? 1_555 92.5  ? 
8  O ? E HOH . ? A HOH 241 ? 1_555 MG ? C MG . ? A MG 26 ? 1_555 O ? E HOH . ? A HOH 244 ? 1_555 81.7  ? 
9  O ? E HOH . ? A HOH 242 ? 1_555 MG ? C MG . ? A MG 26 ? 1_555 O ? E HOH . ? A HOH 244 ? 1_555 90.6  ? 
10 O ? E HOH . ? A HOH 243 ? 1_555 MG ? C MG . ? A MG 26 ? 1_555 O ? E HOH . ? A HOH 244 ? 1_555 91.9  ? 
11 O ? E HOH . ? A HOH 240 ? 1_555 MG ? C MG . ? A MG 26 ? 1_555 O ? E HOH . ? A HOH 245 ? 1_555 79.9  ? 
12 O ? E HOH . ? A HOH 241 ? 1_555 MG ? C MG . ? A MG 26 ? 1_555 O ? E HOH . ? A HOH 245 ? 1_555 88.0  ? 
13 O ? E HOH . ? A HOH 242 ? 1_555 MG ? C MG . ? A MG 26 ? 1_555 O ? E HOH . ? A HOH 245 ? 1_555 95.6  ? 
14 O ? E HOH . ? A HOH 243 ? 1_555 MG ? C MG . ? A MG 26 ? 1_555 O ? E HOH . ? A HOH 245 ? 1_555 98.9  ? 
15 O ? E HOH . ? A HOH 244 ? 1_555 MG ? C MG . ? A MG 26 ? 1_555 O ? E HOH . ? A HOH 245 ? 1_555 167.2 ? 
# 
loop_
_pdbx_audit_revision_history.ordinal 
_pdbx_audit_revision_history.data_content_type 
_pdbx_audit_revision_history.major_revision 
_pdbx_audit_revision_history.minor_revision 
_pdbx_audit_revision_history.revision_date 
1 'Structure model' 1 0 1998-07-16 
2 'Structure model' 1 1 2008-05-22 
3 'Structure model' 1 2 2011-07-13 
4 'Structure model' 1 3 2012-04-25 
5 'Structure model' 1 4 2018-03-07 
6 'Structure model' 1 5 2020-04-08 
7 'Structure model' 1 6 2023-08-02 
# 
_pdbx_audit_revision_details.ordinal             1 
_pdbx_audit_revision_details.revision_ordinal    1 
_pdbx_audit_revision_details.data_content_type   'Structure model' 
_pdbx_audit_revision_details.provider            repository 
_pdbx_audit_revision_details.type                'Initial release' 
_pdbx_audit_revision_details.description         ? 
_pdbx_audit_revision_details.details             ? 
# 
loop_
_pdbx_audit_revision_group.ordinal 
_pdbx_audit_revision_group.revision_ordinal 
_pdbx_audit_revision_group.data_content_type 
_pdbx_audit_revision_group.group 
1 2 'Structure model' 'Version format compliance' 
2 3 'Structure model' 'Version format compliance' 
3 4 'Structure model' 'Non-polymer description'   
4 5 'Structure model' 'Data collection'           
5 6 'Structure model' 'Structure summary'         
6 7 'Structure model' 'Database references'       
7 7 'Structure model' 'Derived calculations'      
8 7 'Structure model' 'Refinement description'    
# 
loop_
_pdbx_audit_revision_category.ordinal 
_pdbx_audit_revision_category.revision_ordinal 
_pdbx_audit_revision_category.data_content_type 
_pdbx_audit_revision_category.category 
1 5 'Structure model' diffrn_source                 
2 6 'Structure model' audit_author                  
3 7 'Structure model' database_2                    
4 7 'Structure model' pdbx_initial_refinement_model 
5 7 'Structure model' pdbx_struct_conn_angle        
6 7 'Structure model' struct_conn                   
7 7 'Structure model' struct_site                   
# 
loop_
_pdbx_audit_revision_item.ordinal 
_pdbx_audit_revision_item.revision_ordinal 
_pdbx_audit_revision_item.data_content_type 
_pdbx_audit_revision_item.item 
1  5 'Structure model' '_diffrn_source.source'                     
2  6 'Structure model' '_audit_author.name'                        
3  7 'Structure model' '_database_2.pdbx_DOI'                      
4  7 'Structure model' '_database_2.pdbx_database_accession'       
5  7 'Structure model' '_pdbx_struct_conn_angle.ptnr1_auth_seq_id' 
6  7 'Structure model' '_pdbx_struct_conn_angle.ptnr3_auth_seq_id' 
7  7 'Structure model' '_pdbx_struct_conn_angle.value'             
8  7 'Structure model' '_struct_conn.pdbx_dist_value'              
9  7 'Structure model' '_struct_conn.ptnr2_auth_seq_id'            
10 7 'Structure model' '_struct_site.pdbx_auth_asym_id'            
11 7 'Structure model' '_struct_site.pdbx_auth_comp_id'            
12 7 'Structure model' '_struct_site.pdbx_auth_seq_id'             
# 
loop_
_software.name 
_software.classification 
_software.version 
_software.citation_id 
_software.pdbx_ordinal 
_software.date 
_software.type 
_software.location 
_software.language 
SHELXL-97 refinement       . ? 1 ? ? ? ? 
DENZO     'data reduction' . ? 2 ? ? ? ? 
SCALEPACK 'data scaling'   . ? 3 ? ? ? ? 
# 
loop_
_pdbx_validate_rmsd_angle.id 
_pdbx_validate_rmsd_angle.PDB_model_num 
_pdbx_validate_rmsd_angle.auth_atom_id_1 
_pdbx_validate_rmsd_angle.auth_asym_id_1 
_pdbx_validate_rmsd_angle.auth_comp_id_1 
_pdbx_validate_rmsd_angle.auth_seq_id_1 
_pdbx_validate_rmsd_angle.PDB_ins_code_1 
_pdbx_validate_rmsd_angle.label_alt_id_1 
_pdbx_validate_rmsd_angle.auth_atom_id_2 
_pdbx_validate_rmsd_angle.auth_asym_id_2 
_pdbx_validate_rmsd_angle.auth_comp_id_2 
_pdbx_validate_rmsd_angle.auth_seq_id_2 
_pdbx_validate_rmsd_angle.PDB_ins_code_2 
_pdbx_validate_rmsd_angle.label_alt_id_2 
_pdbx_validate_rmsd_angle.auth_atom_id_3 
_pdbx_validate_rmsd_angle.auth_asym_id_3 
_pdbx_validate_rmsd_angle.auth_comp_id_3 
_pdbx_validate_rmsd_angle.auth_seq_id_3 
_pdbx_validate_rmsd_angle.PDB_ins_code_3 
_pdbx_validate_rmsd_angle.label_alt_id_3 
_pdbx_validate_rmsd_angle.angle_value 
_pdbx_validate_rmsd_angle.angle_target_value 
_pdbx_validate_rmsd_angle.angle_deviation 
_pdbx_validate_rmsd_angle.angle_standard_deviation 
_pdbx_validate_rmsd_angle.linker_flag 
1  1 N1    A DC 1  ? ? "C1'" A DC 1  ? ? "C2'" A DC 1  ? ? 123.11 114.30 8.81   1.40 N 
2  1 "O4'" A DC 1  ? ? "C1'" A DC 1  ? ? N1    A DC 1  ? ? 96.76  108.00 -11.24 0.70 N 
3  1 "O4'" A DG 2  ? ? "C1'" A DG 2  ? ? N9    A DG 2  ? ? 101.81 108.00 -6.19  0.70 N 
4  1 "O4'" A DC 3  ? ? "C1'" A DC 3  ? ? N1    A DC 3  ? ? 101.04 108.00 -6.96  0.70 N 
5  1 "O4'" A DA 5  ? ? "C1'" A DA 5  ? ? N9    A DA 5  ? ? 101.42 108.00 -6.58  0.70 N 
6  1 "O4'" A DA 6  ? ? "C1'" A DA 6  ? ? N9    A DA 6  ? ? 103.58 108.00 -4.42  0.70 N 
7  1 "O4'" A DT 7  ? ? "C1'" A DT 7  ? ? N1    A DT 7  ? ? 102.65 108.00 -5.35  0.70 N 
8  1 "O4'" A DT 8  ? ? "C1'" A DT 8  ? ? N1    A DT 8  ? ? 102.03 108.00 -5.97  0.70 N 
9  1 N1    A DC 9  ? ? "C1'" A DC 9  ? ? "C2'" A DC 9  ? ? 123.18 114.30 8.88   1.40 N 
10 1 "O4'" A DC 9  ? ? "C1'" A DC 9  ? ? N1    A DC 9  ? ? 95.40  108.00 -12.60 0.70 N 
11 1 N1    A DC 9  ? ? C2    A DC 9  ? ? O2    A DC 9  ? ? 122.63 118.90 3.73   0.60 N 
12 1 "C3'" A DG 10 ? ? "C2'" A DG 10 ? ? "C1'" A DG 10 ? ? 97.14  102.40 -5.26  0.80 N 
13 1 "O4'" A DC 11 ? ? "C1'" A DC 11 ? ? N1    A DC 11 ? ? 97.65  108.00 -10.35 0.70 N 
14 1 "O4'" A DG 12 ? ? "C1'" A DG 12 ? ? N9    A DG 12 ? ? 103.20 108.00 -4.80  0.70 N 
15 1 "O5'" B DC 13 ? ? "C5'" B DC 13 ? ? "C4'" B DC 13 ? ? 93.30  109.40 -16.10 0.80 N 
16 1 "O4'" B DG 14 ? ? "C1'" B DG 14 ? ? N9    B DG 14 ? ? 103.69 108.00 -4.31  0.70 N 
17 1 "O4'" B DC 15 ? ? "C1'" B DC 15 ? ? N1    B DC 15 ? ? 97.65  108.00 -10.35 0.70 N 
18 1 N1    B DG 16 ? ? C6    B DG 16 ? ? O6    B DG 16 ? ? 115.52 119.90 -4.38  0.60 N 
19 1 C5    B DG 16 ? ? C6    B DG 16 ? ? O6    B DG 16 ? ? 132.75 128.60 4.15   0.60 N 
20 1 "O4'" B DA 17 ? ? "C1'" B DA 17 ? ? N9    B DA 17 ? ? 102.32 108.00 -5.68  0.70 N 
21 1 "O4'" B DA 18 ? ? "C1'" B DA 18 ? ? N9    B DA 18 ? ? 102.88 108.00 -5.12  0.70 N 
22 1 N1    B DT 19 ? ? "C1'" B DT 19 ? ? "C2'" B DT 19 ? ? 122.74 114.30 8.44   1.40 N 
23 1 "O4'" B DT 19 ? ? "C1'" B DT 19 ? ? N1    B DT 19 ? ? 101.08 108.00 -6.92  0.70 N 
24 1 N1    B DT 20 ? ? "C1'" B DT 20 ? ? "C2'" B DT 20 ? ? 122.75 114.30 8.45   1.40 N 
25 1 "O4'" B DT 20 ? ? "C1'" B DT 20 ? ? N1    B DT 20 ? ? 100.91 108.00 -7.09  0.70 N 
26 1 "O4'" B DC 21 ? ? "C1'" B DC 21 ? ? N1    B DC 21 ? ? 96.44  108.00 -11.56 0.70 N 
27 1 "O4'" B DC 23 ? ? "C1'" B DC 23 ? ? N1    B DC 23 ? ? 100.65 108.00 -7.35  0.70 N 
# 
_ndb_struct_conf_na.entry_id   360D 
_ndb_struct_conf_na.feature    'b-form double helix' 
# 
loop_
_ndb_struct_na_base_pair.model_number 
_ndb_struct_na_base_pair.i_label_asym_id 
_ndb_struct_na_base_pair.i_label_comp_id 
_ndb_struct_na_base_pair.i_label_seq_id 
_ndb_struct_na_base_pair.i_symmetry 
_ndb_struct_na_base_pair.j_label_asym_id 
_ndb_struct_na_base_pair.j_label_comp_id 
_ndb_struct_na_base_pair.j_label_seq_id 
_ndb_struct_na_base_pair.j_symmetry 
_ndb_struct_na_base_pair.shear 
_ndb_struct_na_base_pair.stretch 
_ndb_struct_na_base_pair.stagger 
_ndb_struct_na_base_pair.buckle 
_ndb_struct_na_base_pair.propeller 
_ndb_struct_na_base_pair.opening 
_ndb_struct_na_base_pair.pair_number 
_ndb_struct_na_base_pair.pair_name 
_ndb_struct_na_base_pair.i_auth_asym_id 
_ndb_struct_na_base_pair.i_auth_seq_id 
_ndb_struct_na_base_pair.i_PDB_ins_code 
_ndb_struct_na_base_pair.j_auth_asym_id 
_ndb_struct_na_base_pair.j_auth_seq_id 
_ndb_struct_na_base_pair.j_PDB_ins_code 
_ndb_struct_na_base_pair.hbond_type_28 
_ndb_struct_na_base_pair.hbond_type_12 
1 A DC 1  1_555 B DG 12 1_555 0.237  -0.270 -0.269 7.371  -18.130 -1.282 1  A_DC1:DG24_B  A 1  ? B 24 ? 19 1 
1 A DG 2  1_555 B DC 11 1_555 -0.271 -0.193 0.302  4.084  -9.407  -2.198 2  A_DG2:DC23_B  A 2  ? B 23 ? 19 1 
1 A DC 3  1_555 B DG 10 1_555 0.170  -0.046 0.063  -2.278 -7.727  -0.737 3  A_DC3:DG22_B  A 3  ? B 22 ? 19 1 
1 A DG 4  1_555 B DC 9  1_555 -0.177 -0.122 -0.060 10.803 -5.924  -1.331 4  A_DG4:DC21_B  A 4  ? B 21 ? 19 1 
1 A DA 5  1_555 B DT 8  1_555 0.098  -0.177 -0.346 7.536  -17.196 2.023  5  A_DA5:DT20_B  A 5  ? B 20 ? 20 1 
1 A DA 6  1_555 B DT 7  1_555 0.203  -0.152 -0.212 -0.102 -17.334 7.716  6  A_DA6:DT19_B  A 6  ? B 19 ? 20 1 
1 A DT 7  1_555 B DA 6  1_555 -0.174 -0.060 -0.026 -2.014 -15.352 7.708  7  A_DT7:DA18_B  A 7  ? B 18 ? 20 1 
1 A DT 8  1_555 B DA 5  1_555 -0.038 -0.192 -0.239 -5.614 -17.307 4.505  8  A_DT8:DA17_B  A 8  ? B 17 ? 20 1 
1 A DC 9  1_555 B DG 4  1_555 0.200  -0.064 -0.257 -4.995 -9.664  -1.122 9  A_DC9:DG16_B  A 9  ? B 16 ? 19 1 
1 A DG 10 1_555 B DC 3  1_555 -0.230 -0.108 0.018  8.596  -7.082  1.735  10 A_DG10:DC15_B A 10 ? B 15 ? 19 1 
1 A DC 11 1_555 B DG 2  1_555 0.123  -0.204 0.364  6.196  -23.221 -2.585 11 A_DC11:DG14_B A 11 ? B 14 ? 19 1 
1 A DG 12 1_555 B DC 1  1_555 -0.243 -0.179 -0.424 4.257  20.205  -3.615 12 A_DG12:DC13_B A 12 ? B 13 ? 19 1 
# 
loop_
_ndb_struct_na_base_pair_step.model_number 
_ndb_struct_na_base_pair_step.i_label_asym_id_1 
_ndb_struct_na_base_pair_step.i_label_comp_id_1 
_ndb_struct_na_base_pair_step.i_label_seq_id_1 
_ndb_struct_na_base_pair_step.i_symmetry_1 
_ndb_struct_na_base_pair_step.j_label_asym_id_1 
_ndb_struct_na_base_pair_step.j_label_comp_id_1 
_ndb_struct_na_base_pair_step.j_label_seq_id_1 
_ndb_struct_na_base_pair_step.j_symmetry_1 
_ndb_struct_na_base_pair_step.i_label_asym_id_2 
_ndb_struct_na_base_pair_step.i_label_comp_id_2 
_ndb_struct_na_base_pair_step.i_label_seq_id_2 
_ndb_struct_na_base_pair_step.i_symmetry_2 
_ndb_struct_na_base_pair_step.j_label_asym_id_2 
_ndb_struct_na_base_pair_step.j_label_comp_id_2 
_ndb_struct_na_base_pair_step.j_label_seq_id_2 
_ndb_struct_na_base_pair_step.j_symmetry_2 
_ndb_struct_na_base_pair_step.shift 
_ndb_struct_na_base_pair_step.slide 
_ndb_struct_na_base_pair_step.rise 
_ndb_struct_na_base_pair_step.tilt 
_ndb_struct_na_base_pair_step.roll 
_ndb_struct_na_base_pair_step.twist 
_ndb_struct_na_base_pair_step.x_displacement 
_ndb_struct_na_base_pair_step.y_displacement 
_ndb_struct_na_base_pair_step.helical_rise 
_ndb_struct_na_base_pair_step.inclination 
_ndb_struct_na_base_pair_step.tip 
_ndb_struct_na_base_pair_step.helical_twist 
_ndb_struct_na_base_pair_step.step_number 
_ndb_struct_na_base_pair_step.step_name 
_ndb_struct_na_base_pair_step.i_auth_asym_id_1 
_ndb_struct_na_base_pair_step.i_auth_seq_id_1 
_ndb_struct_na_base_pair_step.i_PDB_ins_code_1 
_ndb_struct_na_base_pair_step.j_auth_asym_id_1 
_ndb_struct_na_base_pair_step.j_auth_seq_id_1 
_ndb_struct_na_base_pair_step.j_PDB_ins_code_1 
_ndb_struct_na_base_pair_step.i_auth_asym_id_2 
_ndb_struct_na_base_pair_step.i_auth_seq_id_2 
_ndb_struct_na_base_pair_step.i_PDB_ins_code_2 
_ndb_struct_na_base_pair_step.j_auth_asym_id_2 
_ndb_struct_na_base_pair_step.j_auth_seq_id_2 
_ndb_struct_na_base_pair_step.j_PDB_ins_code_2 
1 A DC 1  1_555 B DG 12 1_555 A DG 2  1_555 B DC 11 1_555 -0.276 0.054  3.498 -4.678 8.939   32.470 -1.452 -0.337 3.400 15.525  
8.125  33.961 1  AA_DC1DG2:DC23DG24_BB   A 1  ? B 24 ? A 2  ? B 23 ? 
1 A DG 2  1_555 B DC 11 1_555 A DC 3  1_555 B DG 10 1_555 0.646  0.593  3.381 2.559  -4.189  42.975 1.227  -0.618 3.343 -5.695  
-3.480 43.241 2  AA_DG2DC3:DG22DC23_BB   A 2  ? B 23 ? A 3  ? B 22 ? 
1 A DC 3  1_555 B DG 10 1_555 A DG 4  1_555 B DC 9  1_555 -0.456 0.649  3.220 1.983  9.542   26.731 -0.903 1.391  3.215 19.821  
-4.120 28.422 3  AA_DC3DG4:DC21DG22_BB   A 3  ? B 22 ? A 4  ? B 21 ? 
1 A DG 4  1_555 B DC 9  1_555 A DA 5  1_555 B DT 8  1_555 0.202  0.173  3.361 2.977  3.645   37.582 -0.216 0.084  3.368 5.631   
-4.599 37.865 4  AA_DG4DA5:DT20DC21_BB   A 4  ? B 21 ? A 5  ? B 20 ? 
1 A DA 5  1_555 B DT 8  1_555 A DA 6  1_555 B DT 7  1_555 0.301  -0.255 3.423 -1.361 4.382   35.800 -1.056 -0.686 3.356 7.092   
2.203  36.083 5  AA_DA5DA6:DT19DT20_BB   A 5  ? B 20 ? A 6  ? B 19 ? 
1 A DA 6  1_555 B DT 7  1_555 A DT 7  1_555 B DA 6  1_555 0.043  -0.632 3.228 -1.448 0.881   29.981 -1.397 -0.376 3.203 1.701   
2.797  30.027 6  AA_DA6DT7:DA18DT19_BB   A 6  ? B 19 ? A 7  ? B 18 ? 
1 A DT 7  1_555 B DA 6  1_555 A DT 8  1_555 B DA 5  1_555 -0.283 -0.224 3.277 3.160  1.951   36.175 -0.629 0.892  3.226 3.131   
-5.072 36.359 7  AA_DT7DT8:DA17DA18_BB   A 7  ? B 18 ? A 8  ? B 17 ? 
1 A DT 8  1_555 B DA 5  1_555 A DC 9  1_555 B DG 4  1_555 -0.255 0.355  3.298 1.666  -1.362  40.992 0.655  0.546  3.273 -1.943  
-2.377 41.046 8  AA_DT8DC9:DG16DA17_BB   A 8  ? B 17 ? A 9  ? B 16 ? 
1 A DC 9  1_555 B DG 4  1_555 A DG 10 1_555 B DC 3  1_555 0.546  1.112  3.193 -3.354 8.645   25.843 0.166  -1.998 3.290 18.584  
7.210  27.430 9  AA_DC9DG10:DC15DG16_BB  A 9  ? B 16 ? A 10 ? B 15 ? 
1 A DG 10 1_555 B DC 3  1_555 A DC 11 1_555 B DG 2  1_555 -1.128 0.910  3.409 -6.350 -13.263 44.703 2.272  0.875  3.156 -16.905 
8.094  46.941 10 AA_DG10DC11:DG14DC15_BB A 10 ? B 15 ? A 11 ? B 14 ? 
1 A DC 11 1_555 B DG 2  1_555 A DG 12 1_555 B DC 1  1_555 1.197  0.729  3.676 5.541  -9.132  36.021 2.478  -1.046 3.533 -14.382 
-8.727 37.520 11 AA_DC11DG12:DC13DG14_BB A 11 ? B 14 ? A 12 ? B 13 ? 
# 
loop_
_pdbx_entity_nonpoly.entity_id 
_pdbx_entity_nonpoly.name 
_pdbx_entity_nonpoly.comp_id 
2 'MAGNESIUM ION'                                                                    MG  
3 "N,N'-(furan-2,5-diylbis{benzene-4,1-diyl[(Z)-aminomethylylidene]})diethanaminium" BPF 
4 water                                                                              HOH 
# 
_pdbx_initial_refinement_model.id               1 
_pdbx_initial_refinement_model.entity_id_list   ? 
_pdbx_initial_refinement_model.type             'experimental model' 
_pdbx_initial_refinement_model.source_name      PDB 
_pdbx_initial_refinement_model.accession_code   289D 
_pdbx_initial_refinement_model.details          'NDB ENTRY GDL045 (PDB: 289D)' 
# 
